data_4CUC
#
_entry.id   4CUC
#
_cell.length_a   117.340
_cell.length_b   117.340
_cell.length_c   219.610
_cell.angle_alpha   90.00
_cell.angle_beta   90.00
_cell.angle_gamma   90.00
#
_symmetry.space_group_name_H-M   'P 43 2 2'
#
loop_
_entity.id
_entity.type
_entity.pdbx_description
1 polymer BETA-GALACTOSIDASE
2 branched beta-D-galactopyranose-(1-4)-2-acetamido-2-deoxy-beta-D-glucopyranose
3 non-polymer 'SULFATE ION'
4 non-polymer (4S)-2-METHYL-2,4-PENTANEDIOL
5 water water
#
_entity_poly.entity_id   1
_entity_poly.type   'polypeptide(L)'
_entity_poly.pdbx_seq_one_letter_code
;AVTNEEVNQMIEDRKVDFNQNWYFKLNANSKEAIKPDADVSTWKKLDLPYDWSIFNDFDHESPAQNEGGQLNGGEAWYRK
TFKLDEKDLKKNVRLTFDGVYMDSQVYVNGQLVGHYPNGYNQFSYDITKYLQKDGRENVIAVHAVNKQPSSRWYSGSGIY
RDVTLQVTDKVHVEKNGTTILTPKLEEQQHGKVETHVTSKIVNTDDKDHELVAEYQIVERGGHAVTGLVRTASRTLKAHE
STSLDAILEVERPKLWTVLNDKPALYELITRVYRDGQLVDAKKDLFGYRYYHWTPNEGFSLNGERIKFHGVSLHHDHGAL
GAEENYKAEYRRLKQMKEMGVNSIRTTHNPASEQTLQIAAELGLLVQEEAFDTWYGGKKPYDYGRFFEKDATHPEARKGE
KWSDFDLRTMVERGKNNPAIFMWSIGNEIGEANGDAHSLATVKRLVKVIKDVDKTRYVTMGADKFRFGNGSGGHEKIADE
LDAVGFNYSEDNYKALRAKHPKWLIYGSQTSSATRTRGSYYRPERELKHSNGPERNYEQSDYGNDRVGWGKTATASWTFD
RDNAGYAGQFIWTGTDYIGEPTPWHNQNQTPVKSSYFGIVDTAGIPKHDFYLYQSQWVSVKKKPMVHLLPHWNWENKELA
SKVADSEGKIPVRAYSNASSVELFLNGKSLGLKTFNKKQTSDGRTYQEGANANELYLEWKVAYQPGTLEAIARDESGKEI
ARDKITTAGKPAAVRLIKEDHAIAADGKDLTYIYYEIVDSQGNVVPTANNLVRFQLHGQGQLVGVDNGEQASRERYKAQA
DGSWIRKAFNGKGVAIVKSTEQAGKFTLTAHSDLLKSNQVTVFTGKKEG
;
_entity_poly.pdbx_strand_id   A
#
loop_
_chem_comp.id
_chem_comp.type
_chem_comp.name
_chem_comp.formula
GAL D-saccharide, beta linking beta-D-galactopyranose 'C6 H12 O6'
MPD non-polymer (4S)-2-METHYL-2,4-PENTANEDIOL 'C6 H14 O2'
NAG D-saccharide, beta linking 2-acetamido-2-deoxy-beta-D-glucopyranose 'C8 H15 N O6'
SO4 non-polymer 'SULFATE ION' 'O4 S -2'
#
# COMPACT_ATOMS: atom_id res chain seq x y z
N ALA A 1 35.22 -2.22 25.60
CA ALA A 1 36.07 -1.53 24.58
C ALA A 1 35.26 -0.49 23.79
N VAL A 2 34.10 -0.91 23.30
CA VAL A 2 33.30 -0.06 22.42
C VAL A 2 32.00 0.40 23.09
N THR A 3 31.78 1.71 23.08
CA THR A 3 30.59 2.28 23.69
C THR A 3 29.30 2.05 22.91
N ASN A 4 28.18 2.11 23.62
CA ASN A 4 26.89 1.99 23.00
C ASN A 4 26.70 3.05 21.90
N GLU A 5 27.09 4.29 22.15
N GLU A 5 27.15 4.27 22.21
CA GLU A 5 26.93 5.32 21.10
CA GLU A 5 27.18 5.43 21.34
C GLU A 5 27.77 5.05 19.85
C GLU A 5 27.78 5.07 19.98
N GLU A 6 28.97 4.49 20.03
CA GLU A 6 29.75 4.08 18.86
C GLU A 6 29.07 2.96 18.05
N VAL A 7 28.51 1.97 18.75
CA VAL A 7 27.71 0.93 18.10
C VAL A 7 26.53 1.53 17.34
N ASN A 8 25.81 2.46 17.95
CA ASN A 8 24.67 3.02 17.26
C ASN A 8 25.07 3.86 16.05
N GLN A 9 26.23 4.52 16.15
CA GLN A 9 26.78 5.27 15.04
C GLN A 9 27.15 4.35 13.85
N MET A 10 27.79 3.23 14.12
CA MET A 10 28.13 2.25 13.09
C MET A 10 26.88 1.69 12.39
N ILE A 11 25.83 1.42 13.16
CA ILE A 11 24.56 0.95 12.62
C ILE A 11 24.05 1.98 11.61
N GLU A 12 23.97 3.25 12.04
N GLU A 12 23.99 3.25 12.02
CA GLU A 12 23.53 4.36 11.19
CA GLU A 12 23.46 4.28 11.14
C GLU A 12 24.37 4.45 9.91
C GLU A 12 24.37 4.60 9.92
N ASP A 13 25.69 4.47 10.07
CA ASP A 13 26.62 4.63 8.93
C ASP A 13 26.63 3.47 7.92
N ARG A 14 26.08 2.32 8.30
CA ARG A 14 26.15 1.10 7.50
C ARG A 14 25.31 1.25 6.20
N LYS A 15 24.17 1.94 6.31
CA LYS A 15 23.23 2.12 5.21
C LYS A 15 23.07 3.62 4.91
N VAL A 16 23.23 4.02 3.65
CA VAL A 16 22.94 5.38 3.28
C VAL A 16 21.90 5.49 2.17
N ASP A 17 21.12 6.56 2.24
CA ASP A 17 20.16 6.94 1.22
C ASP A 17 20.99 7.32 0.01
N PHE A 18 20.77 6.66 -1.12
CA PHE A 18 21.56 6.93 -2.32
C PHE A 18 20.70 7.61 -3.41
N ASN A 19 19.59 8.23 -2.98
CA ASN A 19 18.59 8.82 -3.89
C ASN A 19 18.95 10.16 -4.55
N GLN A 20 19.86 10.94 -3.98
N GLN A 20 19.93 10.90 -4.05
CA GLN A 20 20.15 12.28 -4.46
CA GLN A 20 20.13 12.28 -4.45
C GLN A 20 21.07 12.30 -5.66
C GLN A 20 21.14 12.37 -5.59
N ASN A 21 20.93 13.31 -6.50
CA ASN A 21 21.89 13.61 -7.59
C ASN A 21 22.04 12.57 -8.69
N TRP A 22 20.91 12.15 -9.23
CA TRP A 22 20.93 11.29 -10.40
C TRP A 22 20.65 12.13 -11.63
N TYR A 23 21.01 11.65 -12.80
CA TYR A 23 20.63 12.28 -14.03
C TYR A 23 19.77 11.28 -14.77
N PHE A 24 18.76 11.78 -15.47
CA PHE A 24 17.79 10.93 -16.15
C PHE A 24 17.66 11.34 -17.61
N LYS A 25 17.53 10.38 -18.51
CA LYS A 25 17.21 10.75 -19.87
C LYS A 25 16.50 9.63 -20.61
N LEU A 26 15.31 9.96 -21.11
CA LEU A 26 14.50 9.03 -21.88
C LEU A 26 15.17 8.77 -23.22
N ASN A 27 15.17 7.53 -23.69
CA ASN A 27 15.81 7.15 -24.96
C ASN A 27 17.29 7.54 -25.06
N ALA A 28 18.01 7.63 -23.95
CA ALA A 28 19.43 7.98 -24.04
C ALA A 28 20.19 6.89 -24.80
N ASN A 29 21.34 7.28 -25.36
CA ASN A 29 22.24 6.33 -25.99
C ASN A 29 23.06 5.55 -24.92
N SER A 30 22.97 4.23 -24.98
CA SER A 30 23.72 3.32 -24.09
C SER A 30 25.17 3.70 -23.83
N LYS A 31 25.93 3.90 -24.91
CA LYS A 31 27.36 4.23 -24.81
C LYS A 31 27.60 5.53 -24.03
N GLU A 32 26.80 6.55 -24.30
CA GLU A 32 26.89 7.78 -23.49
C GLU A 32 26.46 7.52 -22.04
N ALA A 33 25.44 6.67 -21.84
CA ALA A 33 24.87 6.49 -20.50
C ALA A 33 25.92 5.88 -19.55
N ILE A 34 26.64 4.87 -20.02
CA ILE A 34 27.52 4.08 -19.17
C ILE A 34 28.94 4.62 -19.00
N LYS A 35 29.37 5.51 -19.92
CA LYS A 35 30.77 5.91 -20.01
C LYS A 35 31.18 7.02 -19.02
N PRO A 36 32.47 7.06 -18.64
CA PRO A 36 32.89 8.14 -17.73
C PRO A 36 32.80 9.51 -18.40
N ASP A 37 32.56 10.55 -17.60
CA ASP A 37 32.54 11.94 -18.10
C ASP A 37 31.63 12.22 -19.29
N ALA A 38 30.47 11.58 -19.36
CA ALA A 38 29.48 11.91 -20.36
C ALA A 38 28.93 13.33 -20.15
N ASP A 39 28.52 13.95 -21.25
CA ASP A 39 27.90 15.26 -21.20
C ASP A 39 26.43 15.08 -20.78
N VAL A 40 26.12 15.58 -19.59
CA VAL A 40 24.81 15.40 -18.99
C VAL A 40 23.97 16.66 -19.10
N SER A 41 24.42 17.61 -19.91
CA SER A 41 23.67 18.87 -20.11
C SER A 41 22.29 18.65 -20.74
N THR A 42 22.12 17.60 -21.54
CA THR A 42 20.78 17.30 -22.06
C THR A 42 20.02 16.25 -21.22
N TRP A 43 20.53 15.97 -20.01
CA TRP A 43 19.90 15.05 -19.06
C TRP A 43 19.17 15.86 -17.99
N LYS A 44 18.16 15.28 -17.36
CA LYS A 44 17.48 15.96 -16.25
C LYS A 44 18.12 15.56 -14.89
N LYS A 45 18.67 16.52 -14.16
CA LYS A 45 19.21 16.28 -12.83
C LYS A 45 18.04 16.18 -11.83
N LEU A 46 18.05 15.16 -10.98
CA LEU A 46 16.90 14.93 -10.09
C LEU A 46 17.28 14.06 -8.90
N ASP A 47 16.43 14.04 -7.88
CA ASP A 47 16.55 13.10 -6.78
C ASP A 47 15.51 12.01 -6.92
N LEU A 48 15.91 10.76 -6.70
CA LEU A 48 15.00 9.61 -6.80
C LEU A 48 14.08 9.59 -5.58
N PRO A 49 12.98 8.85 -5.63
CA PRO A 49 12.44 8.04 -6.72
C PRO A 49 11.85 8.95 -7.81
N TYR A 50 11.77 8.42 -9.02
CA TYR A 50 11.23 9.18 -10.14
C TYR A 50 10.53 8.23 -11.10
N ASP A 51 9.21 8.30 -11.13
CA ASP A 51 8.38 7.56 -12.05
C ASP A 51 8.21 8.45 -13.28
N TRP A 52 8.78 8.09 -14.42
CA TRP A 52 8.73 9.06 -15.52
C TRP A 52 7.39 9.06 -16.24
N SER A 53 6.60 8.00 -16.12
CA SER A 53 5.32 7.96 -16.82
C SER A 53 4.26 8.95 -16.34
N ILE A 54 4.28 9.34 -15.07
CA ILE A 54 3.21 10.17 -14.49
C ILE A 54 3.22 11.61 -15.04
N PHE A 55 4.34 12.00 -15.66
CA PHE A 55 4.50 13.32 -16.27
C PHE A 55 3.99 13.37 -17.70
N ASN A 56 3.65 12.22 -18.29
CA ASN A 56 3.13 12.18 -19.67
C ASN A 56 1.69 12.71 -19.69
N ASP A 57 1.25 13.20 -20.85
CA ASP A 57 -0.18 13.39 -21.08
C ASP A 57 -0.86 12.06 -21.31
N PHE A 58 -2.12 11.95 -20.92
CA PHE A 58 -2.95 10.83 -21.32
C PHE A 58 -3.00 10.71 -22.86
N ASP A 59 -2.98 9.49 -23.36
CA ASP A 59 -2.89 9.24 -24.80
C ASP A 59 -3.89 8.16 -25.19
N HIS A 60 -4.90 8.53 -25.97
CA HIS A 60 -5.96 7.57 -26.41
C HIS A 60 -5.39 6.36 -27.17
N GLU A 61 -4.23 6.53 -27.78
CA GLU A 61 -3.56 5.46 -28.55
C GLU A 61 -2.45 4.75 -27.78
N SER A 62 -2.26 5.09 -26.51
CA SER A 62 -1.26 4.42 -25.66
C SER A 62 -1.37 2.91 -25.81
N PRO A 63 -0.24 2.24 -26.08
CA PRO A 63 -0.26 0.78 -26.01
C PRO A 63 -0.60 0.21 -24.57
N ALA A 64 -0.53 1.03 -23.51
CA ALA A 64 -0.96 0.56 -22.17
C ALA A 64 -2.45 0.31 -22.16
N GLN A 65 -3.15 0.99 -23.07
CA GLN A 65 -4.62 1.13 -23.04
C GLN A 65 -5.11 1.76 -21.72
N ASN A 66 -6.43 1.91 -21.57
CA ASN A 66 -6.93 2.57 -20.37
C ASN A 66 -6.76 1.70 -19.12
N GLU A 67 -6.65 0.39 -19.30
CA GLU A 67 -6.37 -0.46 -18.14
C GLU A 67 -5.04 -0.06 -17.48
N GLY A 68 -4.08 0.39 -18.27
CA GLY A 68 -2.81 0.90 -17.78
C GLY A 68 -2.80 2.41 -17.58
N GLY A 69 -3.98 3.05 -17.63
CA GLY A 69 -4.10 4.50 -17.41
C GLY A 69 -3.72 5.36 -18.62
N GLN A 70 -3.47 4.74 -19.77
CA GLN A 70 -3.13 5.46 -21.01
C GLN A 70 -1.90 6.38 -20.88
N LEU A 71 -0.93 5.95 -20.07
CA LEU A 71 0.30 6.71 -19.87
C LEU A 71 1.44 5.87 -20.45
N ASN A 72 2.18 6.42 -21.40
CA ASN A 72 3.21 5.62 -22.08
C ASN A 72 4.43 5.34 -21.20
N GLY A 73 5.17 4.30 -21.58
CA GLY A 73 6.40 3.89 -20.94
C GLY A 73 7.59 4.22 -21.81
N GLY A 74 8.25 3.19 -22.36
CA GLY A 74 9.43 3.44 -23.16
C GLY A 74 10.69 2.91 -22.49
N GLU A 75 11.80 3.61 -22.66
CA GLU A 75 13.02 3.19 -22.05
C GLU A 75 13.86 4.39 -21.71
N ALA A 76 14.63 4.29 -20.64
CA ALA A 76 15.36 5.44 -20.16
C ALA A 76 16.58 4.98 -19.42
N TRP A 77 17.54 5.90 -19.26
CA TRP A 77 18.73 5.65 -18.45
C TRP A 77 18.72 6.62 -17.28
N TYR A 78 19.30 6.20 -16.16
CA TYR A 78 19.57 7.05 -15.04
C TYR A 78 21.03 6.88 -14.74
N ARG A 79 21.72 7.94 -14.37
CA ARG A 79 23.11 7.75 -14.03
C ARG A 79 23.55 8.60 -12.88
N LYS A 80 24.55 8.12 -12.16
CA LYS A 80 25.04 8.83 -10.98
C LYS A 80 26.53 8.58 -10.82
N THR A 81 27.26 9.61 -10.45
CA THR A 81 28.68 9.45 -10.14
C THR A 81 28.92 9.65 -8.64
N PHE A 82 29.87 8.91 -8.09
CA PHE A 82 30.19 9.01 -6.67
C PHE A 82 31.62 8.51 -6.43
N LYS A 83 32.26 9.05 -5.39
CA LYS A 83 33.55 8.55 -4.88
C LYS A 83 33.33 7.93 -3.50
N LEU A 84 34.04 6.85 -3.21
CA LEU A 84 34.19 6.37 -1.83
C LEU A 84 35.04 7.33 -1.00
N ASP A 85 34.59 7.65 0.21
CA ASP A 85 35.42 8.30 1.23
C ASP A 85 36.69 7.50 1.46
N GLU A 86 37.75 8.15 1.95
CA GLU A 86 39.05 7.48 2.21
C GLU A 86 38.96 6.33 3.24
N LYS A 87 38.19 6.54 4.31
CA LYS A 87 37.95 5.49 5.31
C LYS A 87 37.22 4.24 4.77
N ASP A 88 36.57 4.38 3.60
CA ASP A 88 35.76 3.30 3.04
C ASP A 88 36.38 2.57 1.85
N LEU A 89 37.66 2.83 1.59
CA LEU A 89 38.32 2.31 0.39
C LEU A 89 38.40 0.78 0.29
N LYS A 90 38.49 0.11 1.42
CA LYS A 90 38.66 -1.35 1.43
C LYS A 90 37.37 -2.06 1.87
N LYS A 91 36.27 -1.33 1.91
CA LYS A 91 35.01 -1.89 2.39
C LYS A 91 34.22 -2.59 1.30
N ASN A 92 33.35 -3.51 1.71
CA ASN A 92 32.37 -4.11 0.80
C ASN A 92 31.23 -3.10 0.53
N VAL A 93 30.79 -3.01 -0.73
CA VAL A 93 29.76 -2.06 -1.13
C VAL A 93 28.65 -2.80 -1.84
N ARG A 94 27.44 -2.72 -1.28
CA ARG A 94 26.24 -3.30 -1.89
C ARG A 94 25.24 -2.19 -2.23
N LEU A 95 24.72 -2.25 -3.44
CA LEU A 95 23.73 -1.32 -3.95
C LEU A 95 22.36 -1.99 -3.98
N THR A 96 21.35 -1.40 -3.35
CA THR A 96 20.02 -2.04 -3.26
C THR A 96 18.97 -1.17 -3.94
N PHE A 97 18.14 -1.80 -4.78
CA PHE A 97 17.04 -1.12 -5.41
C PHE A 97 15.77 -1.70 -4.85
N ASP A 98 14.93 -0.87 -4.26
CA ASP A 98 13.68 -1.38 -3.73
C ASP A 98 12.65 -1.69 -4.80
N GLY A 99 12.83 -1.12 -5.99
CA GLY A 99 11.99 -1.49 -7.14
C GLY A 99 12.37 -0.66 -8.36
N VAL A 100 12.54 -1.31 -9.50
CA VAL A 100 12.82 -0.63 -10.76
C VAL A 100 11.94 -1.28 -11.81
N TYR A 101 11.06 -0.51 -12.42
CA TYR A 101 10.10 -1.10 -13.35
C TYR A 101 10.50 -0.75 -14.78
N MET A 102 10.92 -1.71 -15.58
CA MET A 102 11.20 -3.10 -15.21
C MET A 102 12.37 -3.51 -16.12
N ASP A 103 12.67 -4.81 -16.16
CA ASP A 103 13.63 -5.34 -17.13
C ASP A 103 14.92 -4.57 -17.04
N SER A 104 15.45 -4.37 -15.82
CA SER A 104 16.54 -3.40 -15.65
C SER A 104 17.92 -3.97 -15.90
N GLN A 105 18.87 -3.07 -16.17
CA GLN A 105 20.29 -3.39 -16.25
C GLN A 105 21.07 -2.35 -15.48
N VAL A 106 22.02 -2.80 -14.69
CA VAL A 106 22.84 -1.89 -13.91
C VAL A 106 24.27 -2.05 -14.39
N TYR A 107 24.92 -0.92 -14.66
CA TYR A 107 26.31 -0.90 -15.10
C TYR A 107 27.10 -0.13 -14.08
N VAL A 108 28.24 -0.67 -13.69
CA VAL A 108 29.15 0.09 -12.83
C VAL A 108 30.49 0.21 -13.58
N ASN A 109 30.89 1.45 -13.84
CA ASN A 109 32.13 1.78 -14.57
C ASN A 109 32.25 1.01 -15.88
N GLY A 110 31.15 0.97 -16.64
CA GLY A 110 31.15 0.39 -17.98
C GLY A 110 30.84 -1.08 -18.07
N GLN A 111 30.75 -1.75 -16.91
N GLN A 111 30.79 -1.77 -16.93
CA GLN A 111 30.55 -3.20 -16.88
CA GLN A 111 30.57 -3.22 -16.89
C GLN A 111 29.16 -3.57 -16.37
C GLN A 111 29.17 -3.57 -16.37
N LEU A 112 28.53 -4.52 -17.04
CA LEU A 112 27.21 -5.00 -16.67
C LEU A 112 27.27 -5.77 -15.38
N VAL A 113 26.60 -5.27 -14.35
CA VAL A 113 26.55 -5.97 -13.07
C VAL A 113 25.46 -7.02 -13.08
N GLY A 114 24.28 -6.65 -13.59
CA GLY A 114 23.19 -7.58 -13.65
C GLY A 114 22.00 -7.09 -14.44
N HIS A 115 21.22 -8.05 -14.89
CA HIS A 115 19.96 -7.82 -15.50
C HIS A 115 18.88 -8.40 -14.58
N TYR A 116 17.91 -7.58 -14.20
CA TYR A 116 16.89 -8.05 -13.27
C TYR A 116 15.50 -7.79 -13.85
N PRO A 117 14.79 -8.83 -14.29
CA PRO A 117 13.55 -8.46 -14.96
C PRO A 117 12.37 -7.98 -14.10
N ASN A 118 12.26 -8.49 -12.87
CA ASN A 118 11.10 -8.26 -12.03
C ASN A 118 10.94 -6.78 -11.76
N GLY A 119 9.74 -6.27 -11.93
CA GLY A 119 9.50 -4.83 -11.76
C GLY A 119 9.17 -4.37 -10.34
N TYR A 120 8.93 -5.31 -9.44
CA TYR A 120 8.46 -4.95 -8.10
C TYR A 120 9.30 -5.47 -6.95
N ASN A 121 10.10 -6.49 -7.21
CA ASN A 121 10.85 -7.10 -6.15
C ASN A 121 12.10 -6.26 -5.86
N GLN A 122 12.43 -6.11 -4.58
CA GLN A 122 13.69 -5.54 -4.20
C GLN A 122 14.87 -6.41 -4.74
N PHE A 123 15.98 -5.79 -5.16
CA PHE A 123 17.15 -6.55 -5.57
C PHE A 123 18.39 -5.75 -5.22
N SER A 124 19.52 -6.43 -5.05
CA SER A 124 20.75 -5.72 -4.75
C SER A 124 21.96 -6.43 -5.35
N TYR A 125 23.05 -5.69 -5.49
CA TYR A 125 24.25 -6.23 -6.10
C TYR A 125 25.44 -5.83 -5.24
N ASP A 126 26.35 -6.79 -5.03
CA ASP A 126 27.65 -6.49 -4.45
C ASP A 126 28.47 -5.86 -5.56
N ILE A 127 28.82 -4.58 -5.45
CA ILE A 127 29.48 -3.93 -6.56
C ILE A 127 30.97 -3.63 -6.30
N THR A 128 31.47 -4.15 -5.18
CA THR A 128 32.82 -3.88 -4.71
C THR A 128 33.91 -4.05 -5.79
N LYS A 129 33.84 -5.15 -6.55
CA LYS A 129 34.85 -5.51 -7.56
C LYS A 129 34.80 -4.58 -8.77
N TYR A 130 33.74 -3.79 -8.89
CA TYR A 130 33.55 -2.94 -10.09
C TYR A 130 34.04 -1.56 -9.88
N LEU A 131 34.35 -1.25 -8.62
CA LEU A 131 34.74 0.11 -8.24
C LEU A 131 36.22 0.39 -8.56
N GLN A 132 36.48 1.67 -8.80
CA GLN A 132 37.80 2.21 -9.06
C GLN A 132 38.66 2.11 -7.82
N LYS A 133 39.95 1.84 -8.00
CA LYS A 133 40.92 1.94 -6.88
C LYS A 133 41.16 3.41 -6.45
N ASP A 134 41.79 3.59 -5.29
CA ASP A 134 42.25 4.92 -4.80
C ASP A 134 41.21 6.07 -4.73
N GLY A 135 39.93 5.77 -4.95
CA GLY A 135 38.85 6.74 -4.70
C GLY A 135 38.54 7.75 -5.80
N ARG A 136 38.83 7.39 -7.04
CA ARG A 136 38.42 8.18 -8.22
C ARG A 136 36.93 7.94 -8.50
N GLU A 137 36.30 8.86 -9.23
CA GLU A 137 34.86 8.79 -9.57
C GLU A 137 34.37 7.46 -10.17
N ASN A 138 33.31 6.91 -9.59
CA ASN A 138 32.59 5.77 -10.20
C ASN A 138 31.32 6.22 -10.88
N VAL A 139 30.95 5.50 -11.94
CA VAL A 139 29.71 5.74 -12.67
C VAL A 139 28.75 4.56 -12.54
N ILE A 140 27.55 4.81 -12.02
CA ILE A 140 26.48 3.82 -12.07
C ILE A 140 25.45 4.29 -13.10
N ALA A 141 25.05 3.37 -13.98
CA ALA A 141 24.03 3.67 -14.96
C ALA A 141 23.00 2.57 -14.90
N VAL A 142 21.73 2.96 -14.90
CA VAL A 142 20.64 2.01 -14.76
C VAL A 142 19.73 2.18 -15.96
N HIS A 143 19.52 1.12 -16.72
CA HIS A 143 18.60 1.14 -17.82
C HIS A 143 17.26 0.55 -17.36
N ALA A 144 16.16 1.24 -17.63
CA ALA A 144 14.86 0.69 -17.26
C ALA A 144 14.00 0.70 -18.51
N VAL A 145 13.21 -0.36 -18.71
CA VAL A 145 12.38 -0.51 -19.90
C VAL A 145 10.95 -0.80 -19.48
N ASN A 146 10.02 -0.01 -19.96
CA ASN A 146 8.63 -0.31 -19.78
C ASN A 146 7.98 -0.39 -21.15
N LYS A 147 8.08 -1.58 -21.72
CA LYS A 147 7.57 -1.91 -23.03
C LYS A 147 6.16 -2.40 -22.83
N GLN A 148 5.21 -1.73 -23.47
CA GLN A 148 3.80 -1.95 -23.21
C GLN A 148 3.10 -2.68 -24.37
N PRO A 149 2.01 -3.48 -24.10
CA PRO A 149 1.54 -3.60 -22.71
C PRO A 149 2.27 -4.64 -21.85
N SER A 150 2.61 -4.22 -20.64
CA SER A 150 3.26 -5.10 -19.70
C SER A 150 2.44 -5.30 -18.45
N SER A 151 1.29 -4.64 -18.34
CA SER A 151 0.65 -4.56 -17.02
C SER A 151 -0.86 -4.46 -17.11
N ARG A 152 -1.59 -5.02 -16.14
CA ARG A 152 -3.04 -4.88 -16.19
C ARG A 152 -3.52 -3.64 -15.43
N TRP A 153 -2.60 -2.92 -14.79
CA TRP A 153 -2.96 -1.69 -14.06
C TRP A 153 -1.82 -0.71 -14.31
N TYR A 154 -1.92 0.53 -13.83
CA TYR A 154 -0.83 1.47 -14.02
C TYR A 154 0.39 1.03 -13.20
N SER A 155 1.50 0.82 -13.89
CA SER A 155 2.71 0.39 -13.26
C SER A 155 3.62 1.57 -12.90
N GLY A 156 3.61 2.62 -13.71
CA GLY A 156 4.73 3.59 -13.67
C GLY A 156 5.96 3.03 -14.39
N SER A 157 7.03 3.82 -14.49
CA SER A 157 8.24 3.37 -15.21
C SER A 157 9.43 3.94 -14.52
N GLY A 158 10.50 3.16 -14.41
CA GLY A 158 11.77 3.68 -13.91
C GLY A 158 12.03 3.31 -12.47
N ILE A 159 12.84 4.10 -11.78
CA ILE A 159 13.26 3.80 -10.43
C ILE A 159 12.29 4.52 -9.50
N TYR A 160 11.19 3.84 -9.20
CA TYR A 160 10.09 4.46 -8.53
C TYR A 160 10.15 4.22 -7.01
N ARG A 161 11.12 3.43 -6.53
CA ARG A 161 11.34 3.23 -5.08
C ARG A 161 12.78 3.57 -4.72
N ASP A 162 13.10 3.64 -3.43
CA ASP A 162 14.40 4.09 -2.94
C ASP A 162 15.55 3.23 -3.44
N VAL A 163 16.72 3.85 -3.50
CA VAL A 163 17.97 3.17 -3.77
C VAL A 163 18.85 3.43 -2.54
N THR A 164 19.53 2.40 -2.03
CA THR A 164 20.37 2.55 -0.86
C THR A 164 21.72 1.90 -1.13
N LEU A 165 22.73 2.33 -0.38
CA LEU A 165 24.07 1.82 -0.50
C LEU A 165 24.39 1.33 0.90
N GLN A 166 24.89 0.09 0.99
N GLN A 166 24.91 0.10 1.02
CA GLN A 166 25.43 -0.42 2.23
CA GLN A 166 25.40 -0.41 2.31
C GLN A 166 26.95 -0.51 2.09
C GLN A 166 26.89 -0.75 2.29
N VAL A 167 27.65 0.02 3.09
CA VAL A 167 29.11 -0.02 3.11
C VAL A 167 29.56 -0.68 4.41
N THR A 168 30.16 -1.87 4.30
CA THR A 168 30.44 -2.69 5.45
C THR A 168 31.88 -3.20 5.40
N ASP A 169 32.39 -3.67 6.55
CA ASP A 169 33.59 -4.49 6.56
C ASP A 169 33.49 -5.71 5.63
N LYS A 170 34.64 -6.23 5.22
CA LYS A 170 34.70 -7.47 4.45
C LYS A 170 34.05 -8.64 5.18
N VAL A 171 34.10 -8.63 6.51
CA VAL A 171 33.33 -9.58 7.31
C VAL A 171 32.02 -8.91 7.76
N HIS A 172 30.87 -9.43 7.31
CA HIS A 172 29.61 -8.75 7.64
C HIS A 172 28.43 -9.69 7.58
N VAL A 173 27.34 -9.28 8.23
CA VAL A 173 26.05 -9.99 8.13
C VAL A 173 25.53 -9.77 6.71
N GLU A 174 25.22 -10.84 6.00
N GLU A 174 25.20 -10.86 6.02
CA GLU A 174 24.81 -10.70 4.61
CA GLU A 174 24.72 -10.82 4.65
C GLU A 174 23.43 -10.07 4.54
C GLU A 174 23.42 -10.02 4.56
N LYS A 175 23.09 -9.59 3.34
CA LYS A 175 21.83 -8.94 3.01
C LYS A 175 20.71 -9.88 3.40
N ASN A 176 19.74 -9.40 4.14
CA ASN A 176 18.65 -10.23 4.69
C ASN A 176 19.16 -11.43 5.47
N GLY A 177 20.35 -11.32 6.08
CA GLY A 177 20.98 -12.45 6.73
C GLY A 177 20.46 -12.83 8.13
N THR A 178 19.53 -12.06 8.67
CA THR A 178 19.00 -12.30 10.03
C THR A 178 17.67 -13.04 10.08
N THR A 179 17.61 -14.08 10.91
CA THR A 179 16.35 -14.79 11.15
C THR A 179 16.03 -14.74 12.64
N ILE A 180 14.80 -14.38 12.97
CA ILE A 180 14.38 -14.25 14.37
C ILE A 180 13.12 -15.06 14.59
N LEU A 181 13.17 -16.02 15.49
CA LEU A 181 12.03 -16.93 15.73
C LEU A 181 11.68 -17.00 17.20
N THR A 182 10.41 -17.22 17.51
CA THR A 182 9.96 -17.40 18.90
C THR A 182 9.01 -18.59 18.90
N PRO A 183 9.55 -19.81 18.75
CA PRO A 183 8.64 -20.94 18.52
C PRO A 183 7.77 -21.35 19.69
N LYS A 184 8.09 -20.92 20.92
CA LYS A 184 7.28 -21.27 22.08
C LYS A 184 6.58 -20.04 22.68
N LEU A 185 6.40 -18.99 21.87
CA LEU A 185 5.85 -17.74 22.40
C LEU A 185 4.53 -17.97 23.16
N GLU A 186 3.61 -18.74 22.58
CA GLU A 186 2.30 -18.85 23.19
C GLU A 186 2.42 -19.43 24.60
N GLU A 187 3.26 -20.44 24.75
CA GLU A 187 3.44 -21.10 26.02
C GLU A 187 4.25 -20.20 27.01
N GLN A 188 5.19 -19.41 26.49
CA GLN A 188 6.15 -18.71 27.33
C GLN A 188 5.83 -17.26 27.66
N GLN A 189 4.71 -16.76 27.13
CA GLN A 189 4.45 -15.32 27.02
C GLN A 189 4.31 -14.59 28.36
N HIS A 190 3.95 -15.31 29.41
CA HIS A 190 3.79 -14.72 30.73
C HIS A 190 5.08 -14.75 31.55
N GLY A 191 6.13 -15.35 31.00
CA GLY A 191 7.43 -15.26 31.61
C GLY A 191 8.49 -14.93 30.57
N LYS A 192 9.58 -15.69 30.59
CA LYS A 192 10.72 -15.52 29.68
C LYS A 192 10.53 -16.21 28.32
N VAL A 193 10.53 -15.40 27.28
CA VAL A 193 10.29 -15.91 25.94
C VAL A 193 11.64 -16.09 25.27
N GLU A 194 11.93 -17.33 24.84
CA GLU A 194 13.16 -17.63 24.12
C GLU A 194 13.06 -17.11 22.69
N THR A 195 14.01 -16.27 22.33
CA THR A 195 14.05 -15.63 21.04
C THR A 195 15.26 -16.18 20.35
N HIS A 196 15.03 -17.08 19.39
CA HIS A 196 16.11 -17.73 18.63
C HIS A 196 16.55 -16.86 17.49
N VAL A 197 17.82 -16.49 17.44
CA VAL A 197 18.32 -15.67 16.37
C VAL A 197 19.40 -16.38 15.58
N THR A 198 19.47 -16.09 14.28
CA THR A 198 20.47 -16.68 13.39
C THR A 198 20.98 -15.56 12.51
N SER A 199 22.29 -15.52 12.31
CA SER A 199 22.92 -14.58 11.40
C SER A 199 23.82 -15.29 10.38
N LYS A 200 23.54 -15.04 9.10
CA LYS A 200 24.40 -15.51 8.05
C LYS A 200 25.51 -14.49 7.91
N ILE A 201 26.73 -14.87 8.20
CA ILE A 201 27.85 -13.95 8.18
C ILE A 201 28.73 -14.37 7.03
N VAL A 202 29.33 -13.39 6.37
CA VAL A 202 30.11 -13.65 5.17
C VAL A 202 31.52 -13.06 5.37
N ASN A 203 32.54 -13.82 5.00
CA ASN A 203 33.92 -13.31 4.99
C ASN A 203 34.34 -13.11 3.56
N THR A 204 34.30 -11.88 3.06
CA THR A 204 34.66 -11.66 1.66
C THR A 204 36.17 -11.42 1.49
N ASP A 205 36.91 -11.39 2.59
CA ASP A 205 38.37 -11.22 2.57
C ASP A 205 39.07 -12.50 2.06
N ASP A 206 40.32 -12.38 1.66
CA ASP A 206 41.07 -13.58 1.26
C ASP A 206 41.99 -14.11 2.36
N LYS A 207 41.72 -13.71 3.60
CA LYS A 207 42.35 -14.28 4.81
C LYS A 207 41.27 -14.86 5.72
N ASP A 208 41.61 -15.91 6.46
CA ASP A 208 40.76 -16.47 7.50
C ASP A 208 40.65 -15.47 8.64
N HIS A 209 39.50 -15.46 9.32
CA HIS A 209 39.31 -14.58 10.49
C HIS A 209 38.56 -15.26 11.59
N GLU A 210 38.89 -14.87 12.82
CA GLU A 210 38.15 -15.31 13.99
C GLU A 210 36.90 -14.43 14.15
N LEU A 211 35.76 -15.10 14.33
CA LEU A 211 34.45 -14.47 14.29
C LEU A 211 33.69 -14.71 15.56
N VAL A 212 33.16 -13.63 16.15
CA VAL A 212 32.18 -13.68 17.23
C VAL A 212 30.99 -12.78 16.86
N ALA A 213 29.76 -13.22 17.16
CA ALA A 213 28.57 -12.35 17.12
C ALA A 213 28.02 -12.10 18.52
N GLU A 214 27.52 -10.89 18.72
CA GLU A 214 26.97 -10.47 19.99
C GLU A 214 25.62 -9.81 19.73
N TYR A 215 24.61 -10.16 20.51
CA TYR A 215 23.25 -9.72 20.31
C TYR A 215 22.69 -9.05 21.53
N GLN A 216 21.80 -8.08 21.29
CA GLN A 216 20.94 -7.48 22.31
C GLN A 216 19.56 -7.19 21.72
N ILE A 217 18.49 -7.41 22.49
CA ILE A 217 17.16 -7.01 22.00
C ILE A 217 16.75 -5.73 22.76
N VAL A 218 16.18 -4.76 22.04
CA VAL A 218 15.68 -3.51 22.63
C VAL A 218 14.25 -3.27 22.14
N GLU A 219 13.44 -2.57 22.93
CA GLU A 219 12.15 -2.08 22.47
C GLU A 219 12.40 -0.97 21.45
N ARG A 220 11.71 -1.00 20.32
CA ARG A 220 11.88 0.07 19.33
C ARG A 220 11.38 1.38 19.95
N GLY A 221 12.21 2.42 19.93
CA GLY A 221 11.90 3.65 20.70
C GLY A 221 11.62 3.39 22.19
N GLY A 222 12.31 2.40 22.77
CA GLY A 222 12.17 2.11 24.21
C GLY A 222 13.55 1.77 24.77
N HIS A 223 13.62 0.81 25.67
N HIS A 223 13.60 0.82 25.68
CA HIS A 223 14.84 0.52 26.42
CA HIS A 223 14.83 0.51 26.40
C HIS A 223 15.28 -0.92 26.10
C HIS A 223 15.26 -0.94 26.14
N ALA A 224 16.53 -1.26 26.42
CA ALA A 224 17.04 -2.65 26.30
C ALA A 224 16.18 -3.63 27.12
N VAL A 225 16.00 -4.85 26.62
CA VAL A 225 15.28 -5.89 27.34
C VAL A 225 16.07 -7.18 27.50
N THR A 226 17.34 -7.14 27.07
CA THR A 226 18.29 -8.21 27.34
C THR A 226 19.64 -7.58 27.59
N GLY A 227 20.61 -8.34 28.11
CA GLY A 227 22.01 -7.93 28.06
C GLY A 227 22.62 -8.36 26.73
N LEU A 228 23.93 -8.46 26.68
CA LEU A 228 24.63 -8.91 25.48
C LEU A 228 24.78 -10.41 25.53
N VAL A 229 24.47 -11.08 24.43
CA VAL A 229 24.58 -12.54 24.35
C VAL A 229 25.53 -12.84 23.19
N ARG A 230 26.65 -13.50 23.48
CA ARG A 230 27.72 -13.74 22.51
C ARG A 230 27.73 -15.17 22.04
N THR A 231 28.18 -15.41 20.81
CA THR A 231 28.45 -16.76 20.35
C THR A 231 29.89 -17.16 20.70
N ALA A 232 30.16 -18.47 20.64
CA ALA A 232 31.54 -19.02 20.70
C ALA A 232 32.43 -18.50 19.54
N SER A 233 33.63 -18.04 19.85
CA SER A 233 34.59 -17.62 18.81
C SER A 233 35.01 -18.79 17.95
N ARG A 234 34.87 -18.65 16.63
CA ARG A 234 35.29 -19.69 15.69
C ARG A 234 35.89 -19.05 14.44
N THR A 235 36.62 -19.85 13.67
CA THR A 235 37.19 -19.38 12.42
C THR A 235 36.13 -19.37 11.32
N LEU A 236 36.14 -18.30 10.51
CA LEU A 236 35.40 -18.27 9.26
C LEU A 236 36.46 -18.14 8.16
N LYS A 237 36.54 -19.12 7.27
CA LYS A 237 37.62 -19.12 6.27
C LYS A 237 37.39 -18.05 5.22
N ALA A 238 38.49 -17.55 4.64
CA ALA A 238 38.46 -16.74 3.42
C ALA A 238 37.37 -17.17 2.42
N HIS A 239 36.64 -16.20 1.89
CA HIS A 239 35.56 -16.43 0.89
C HIS A 239 34.47 -17.42 1.29
N GLU A 240 34.34 -17.71 2.58
CA GLU A 240 33.25 -18.60 2.99
C GLU A 240 32.23 -17.85 3.84
N SER A 241 31.10 -18.48 4.09
CA SER A 241 30.11 -17.89 4.95
C SER A 241 29.61 -18.94 5.94
N THR A 242 28.94 -18.51 7.00
CA THR A 242 28.46 -19.43 8.03
C THR A 242 27.20 -18.85 8.70
N SER A 243 26.45 -19.67 9.42
CA SER A 243 25.31 -19.20 10.20
C SER A 243 25.61 -19.31 11.67
N LEU A 244 25.66 -18.17 12.35
CA LEU A 244 25.78 -18.17 13.82
C LEU A 244 24.40 -18.15 14.43
N ASP A 245 24.24 -18.77 15.60
N ASP A 245 24.24 -18.81 15.57
CA ASP A 245 22.94 -18.86 16.27
CA ASP A 245 22.94 -18.89 16.26
C ASP A 245 23.07 -18.61 17.76
C ASP A 245 23.14 -18.45 17.71
N ALA A 246 22.05 -17.99 18.35
CA ALA A 246 22.03 -17.72 19.79
C ALA A 246 20.57 -17.66 20.22
N ILE A 247 20.33 -17.75 21.51
CA ILE A 247 19.00 -17.67 22.10
C ILE A 247 19.06 -16.57 23.16
N LEU A 248 18.13 -15.61 23.08
CA LEU A 248 18.01 -14.57 24.07
C LEU A 248 16.64 -14.75 24.71
N GLU A 249 16.52 -14.35 25.97
CA GLU A 249 15.27 -14.46 26.69
C GLU A 249 14.75 -13.07 26.98
N VAL A 250 13.49 -12.83 26.66
CA VAL A 250 12.86 -11.53 26.91
C VAL A 250 11.69 -11.84 27.83
N GLU A 251 11.66 -11.15 28.97
CA GLU A 251 10.61 -11.28 29.96
C GLU A 251 9.31 -10.59 29.56
N ARG A 252 8.21 -11.35 29.46
CA ARG A 252 6.88 -10.77 29.21
C ARG A 252 6.88 -9.66 28.10
N PRO A 253 7.30 -10.01 26.88
CA PRO A 253 7.30 -8.97 25.85
C PRO A 253 5.88 -8.49 25.56
N LYS A 254 5.75 -7.24 25.15
CA LYS A 254 4.43 -6.77 24.70
C LYS A 254 4.17 -7.41 23.33
N LEU A 255 3.00 -8.01 23.15
CA LEU A 255 2.71 -8.68 21.90
C LEU A 255 2.23 -7.69 20.85
N TRP A 256 2.83 -7.77 19.67
CA TRP A 256 2.36 -7.07 18.51
C TRP A 256 0.92 -7.48 18.16
N THR A 257 0.09 -6.50 17.81
CA THR A 257 -1.29 -6.80 17.43
C THR A 257 -1.94 -5.70 16.60
N VAL A 258 -2.95 -6.04 15.81
CA VAL A 258 -3.72 -5.08 15.05
C VAL A 258 -4.76 -4.33 15.90
N LEU A 259 -5.00 -4.81 17.12
CA LEU A 259 -6.03 -4.22 18.00
C LEU A 259 -5.60 -2.94 18.73
N ASN A 260 -4.36 -2.51 18.56
CA ASN A 260 -4.01 -1.11 18.92
C ASN A 260 -3.39 -0.38 17.69
N ASP A 261 -3.31 0.94 17.74
CA ASP A 261 -2.75 1.74 16.63
C ASP A 261 -1.26 2.12 16.73
N LYS A 262 -0.64 1.75 17.86
CA LYS A 262 0.81 1.82 18.05
C LYS A 262 1.31 0.48 18.63
N PRO A 263 1.19 -0.62 17.87
CA PRO A 263 1.66 -1.90 18.43
C PRO A 263 3.14 -1.89 18.79
N ALA A 264 3.47 -2.73 19.77
CA ALA A 264 4.84 -2.94 20.25
C ALA A 264 5.76 -3.62 19.23
N LEU A 265 6.92 -3.04 19.03
CA LEU A 265 7.91 -3.58 18.09
C LEU A 265 9.21 -3.66 18.85
N TYR A 266 10.11 -4.55 18.43
CA TYR A 266 11.43 -4.72 19.05
C TYR A 266 12.50 -4.66 17.97
N GLU A 267 13.74 -4.47 18.36
CA GLU A 267 14.84 -4.52 17.41
C GLU A 267 15.90 -5.43 17.96
N LEU A 268 16.48 -6.23 17.09
CA LEU A 268 17.59 -7.05 17.42
C LEU A 268 18.85 -6.28 16.98
N ILE A 269 19.77 -6.04 17.90
CA ILE A 269 21.03 -5.46 17.51
C ILE A 269 22.07 -6.59 17.38
N THR A 270 22.75 -6.65 16.25
CA THR A 270 23.81 -7.62 16.05
C THR A 270 25.12 -6.88 15.94
N ARG A 271 26.12 -7.32 16.73
CA ARG A 271 27.50 -6.83 16.59
C ARG A 271 28.39 -7.97 16.09
N VAL A 272 29.22 -7.67 15.11
CA VAL A 272 30.11 -8.69 14.54
C VAL A 272 31.56 -8.34 14.86
N TYR A 273 32.30 -9.28 15.44
CA TYR A 273 33.72 -9.07 15.78
C TYR A 273 34.61 -9.91 14.87
N ARG A 274 35.60 -9.25 14.30
CA ARG A 274 36.57 -9.93 13.44
C ARG A 274 37.90 -9.86 14.19
N ASP A 275 38.45 -11.01 14.58
CA ASP A 275 39.70 -11.05 15.39
C ASP A 275 39.61 -10.13 16.63
N GLY A 276 38.46 -10.16 17.29
CA GLY A 276 38.28 -9.36 18.51
C GLY A 276 37.96 -7.88 18.30
N GLN A 277 37.88 -7.43 17.04
N GLN A 277 37.87 -7.44 17.04
CA GLN A 277 37.57 -6.02 16.77
CA GLN A 277 37.59 -6.03 16.70
C GLN A 277 36.15 -5.91 16.23
C GLN A 277 36.14 -5.90 16.20
N LEU A 278 35.42 -4.91 16.70
CA LEU A 278 34.02 -4.69 16.28
C LEU A 278 34.07 -4.13 14.86
N VAL A 279 33.55 -4.87 13.88
CA VAL A 279 33.67 -4.37 12.51
C VAL A 279 32.32 -4.15 11.82
N ASP A 280 31.26 -4.75 12.35
CA ASP A 280 29.93 -4.64 11.75
C ASP A 280 28.89 -4.64 12.86
N ALA A 281 27.83 -3.88 12.64
CA ALA A 281 26.70 -3.81 13.55
C ALA A 281 25.45 -3.43 12.73
N LYS A 282 24.34 -4.06 13.05
CA LYS A 282 23.09 -3.73 12.39
C LYS A 282 21.92 -3.98 13.33
N LYS A 283 20.77 -3.45 12.95
CA LYS A 283 19.54 -3.83 13.64
C LYS A 283 18.49 -4.40 12.71
N ASP A 284 17.61 -5.21 13.30
CA ASP A 284 16.50 -5.81 12.56
C ASP A 284 15.23 -5.67 13.38
N LEU A 285 14.21 -5.13 12.74
CA LEU A 285 12.91 -4.91 13.33
C LEU A 285 12.15 -6.25 13.44
N PHE A 286 11.44 -6.48 14.53
CA PHE A 286 10.58 -7.67 14.64
C PHE A 286 9.53 -7.40 15.70
N GLY A 287 8.65 -8.38 15.94
CA GLY A 287 7.67 -8.23 17.03
C GLY A 287 7.31 -9.63 17.52
N TYR A 288 6.65 -9.72 18.67
CA TYR A 288 6.21 -11.00 19.24
C TYR A 288 4.73 -11.17 18.96
N ARG A 289 4.35 -12.12 18.12
CA ARG A 289 2.94 -12.49 18.02
C ARG A 289 2.80 -13.92 17.52
N TYR A 290 1.67 -14.53 17.87
CA TYR A 290 1.37 -15.86 17.38
C TYR A 290 -0.06 -15.81 16.87
N TYR A 291 -0.38 -16.75 15.97
CA TYR A 291 -1.71 -16.81 15.43
C TYR A 291 -2.12 -18.26 15.15
N HIS A 292 -3.42 -18.48 14.96
N HIS A 292 -3.43 -18.48 14.98
CA HIS A 292 -4.00 -19.79 14.68
CA HIS A 292 -3.98 -19.79 14.68
C HIS A 292 -5.17 -19.59 13.73
C HIS A 292 -5.13 -19.57 13.70
N TRP A 293 -5.48 -20.59 12.93
CA TRP A 293 -6.56 -20.48 11.96
C TRP A 293 -7.19 -21.87 11.84
N THR A 294 -8.46 -21.99 12.17
CA THR A 294 -9.15 -23.27 12.01
C THR A 294 -10.22 -23.15 10.89
N PRO A 295 -10.57 -24.27 10.27
CA PRO A 295 -11.57 -24.28 9.20
C PRO A 295 -12.90 -23.67 9.63
N ASN A 296 -13.38 -23.95 10.84
CA ASN A 296 -14.72 -23.55 11.22
C ASN A 296 -14.80 -22.28 12.05
N GLU A 297 -13.71 -21.86 12.66
CA GLU A 297 -13.76 -20.64 13.47
C GLU A 297 -12.90 -19.51 12.89
N GLY A 298 -12.12 -19.76 11.86
CA GLY A 298 -11.29 -18.73 11.27
C GLY A 298 -10.07 -18.40 12.12
N PHE A 299 -9.70 -17.12 12.11
CA PHE A 299 -8.36 -16.68 12.49
C PHE A 299 -8.33 -16.17 13.90
N SER A 300 -7.21 -16.34 14.58
CA SER A 300 -7.09 -15.70 15.89
C SER A 300 -5.68 -15.15 16.06
N LEU A 301 -5.56 -14.01 16.71
CA LEU A 301 -4.26 -13.38 16.85
C LEU A 301 -3.95 -13.21 18.32
N ASN A 302 -2.87 -13.83 18.77
CA ASN A 302 -2.51 -13.85 20.19
C ASN A 302 -3.71 -14.35 21.03
N GLY A 303 -4.44 -15.35 20.53
CA GLY A 303 -5.57 -15.89 21.29
C GLY A 303 -6.87 -15.10 21.10
N GLU A 304 -6.85 -13.97 20.39
CA GLU A 304 -8.14 -13.25 20.18
C GLU A 304 -8.68 -13.49 18.77
N ARG A 305 -9.92 -14.00 18.69
CA ARG A 305 -10.58 -14.21 17.42
C ARG A 305 -10.83 -12.89 16.71
N ILE A 306 -10.47 -12.81 15.43
CA ILE A 306 -10.79 -11.65 14.64
C ILE A 306 -11.11 -12.10 13.21
N LYS A 307 -11.69 -11.21 12.43
CA LYS A 307 -11.86 -11.42 11.02
C LYS A 307 -10.93 -10.47 10.30
N PHE A 308 -10.47 -10.85 9.11
CA PHE A 308 -9.64 -9.93 8.35
C PHE A 308 -10.60 -8.90 7.80
N HIS A 309 -10.50 -7.66 8.30
CA HIS A 309 -11.23 -6.58 7.69
C HIS A 309 -10.20 -5.96 6.75
N GLY A 310 -10.15 -6.46 5.54
CA GLY A 310 -9.00 -6.19 4.68
C GLY A 310 -9.30 -5.38 3.45
N VAL A 311 -8.24 -4.79 2.90
CA VAL A 311 -8.31 -4.14 1.60
C VAL A 311 -7.15 -4.57 0.69
N SER A 312 -7.43 -4.66 -0.60
CA SER A 312 -6.42 -4.80 -1.63
C SER A 312 -5.98 -3.39 -1.98
N LEU A 313 -4.67 -3.18 -2.12
CA LEU A 313 -4.07 -1.89 -2.43
C LEU A 313 -3.02 -2.09 -3.51
N HIS A 314 -3.12 -1.29 -4.56
CA HIS A 314 -2.07 -1.11 -5.53
C HIS A 314 -0.99 -0.16 -5.03
N HIS A 315 0.14 -0.13 -5.73
CA HIS A 315 1.29 0.60 -5.26
C HIS A 315 1.26 2.08 -5.63
N ASP A 316 0.46 2.51 -6.60
CA ASP A 316 0.48 3.93 -6.98
C ASP A 316 -0.19 4.85 -5.95
N HIS A 317 0.26 6.10 -5.91
CA HIS A 317 -0.34 7.09 -5.01
C HIS A 317 -0.95 8.28 -5.76
N GLY A 318 -1.80 8.01 -6.75
CA GLY A 318 -2.57 9.07 -7.39
C GLY A 318 -1.65 10.01 -8.14
N ALA A 319 -1.71 11.30 -7.78
CA ALA A 319 -0.92 12.31 -8.48
C ALA A 319 0.59 12.09 -8.32
N LEU A 320 1.00 11.26 -7.36
CA LEU A 320 2.43 10.88 -7.25
C LEU A 320 2.82 9.76 -8.23
N GLY A 321 1.83 9.16 -8.92
CA GLY A 321 2.14 8.02 -9.77
C GLY A 321 2.74 6.90 -8.94
N ALA A 322 3.77 6.21 -9.45
CA ALA A 322 4.32 5.06 -8.71
C ALA A 322 5.37 5.50 -7.68
N GLU A 323 5.70 6.78 -7.65
CA GLU A 323 6.70 7.27 -6.71
C GLU A 323 6.31 6.87 -5.28
N GLU A 324 7.10 5.97 -4.67
CA GLU A 324 6.87 5.59 -3.28
C GLU A 324 7.33 6.71 -2.35
N ASN A 325 6.55 6.94 -1.29
CA ASN A 325 6.88 8.02 -0.36
C ASN A 325 6.32 7.62 1.00
N TYR A 326 7.17 7.71 2.03
CA TYR A 326 6.79 7.24 3.37
C TYR A 326 5.49 7.94 3.84
N LYS A 327 5.50 9.28 3.75
CA LYS A 327 4.35 10.06 4.21
C LYS A 327 3.06 9.75 3.41
N ALA A 328 3.19 9.63 2.08
CA ALA A 328 2.00 9.22 1.30
C ALA A 328 1.45 7.85 1.72
N GLU A 329 2.34 6.88 1.89
CA GLU A 329 1.90 5.55 2.29
C GLU A 329 1.35 5.55 3.75
N TYR A 330 1.97 6.31 4.62
CA TYR A 330 1.48 6.48 5.99
C TYR A 330 0.07 7.03 6.02
N ARG A 331 -0.14 8.12 5.29
CA ARG A 331 -1.48 8.72 5.22
C ARG A 331 -2.51 7.68 4.75
N ARG A 332 -2.18 6.95 3.69
CA ARG A 332 -3.15 5.99 3.13
C ARG A 332 -3.44 4.87 4.17
N LEU A 333 -2.40 4.33 4.78
CA LEU A 333 -2.62 3.16 5.68
C LEU A 333 -3.30 3.61 6.98
N LYS A 334 -2.93 4.80 7.45
CA LYS A 334 -3.57 5.40 8.61
C LYS A 334 -5.06 5.62 8.33
N GLN A 335 -5.37 6.02 7.09
CA GLN A 335 -6.75 6.20 6.69
C GLN A 335 -7.49 4.86 6.66
N MET A 336 -6.78 3.81 6.20
CA MET A 336 -7.37 2.47 6.23
C MET A 336 -7.64 2.05 7.68
N LYS A 337 -6.68 2.26 8.59
CA LYS A 337 -6.93 1.95 10.02
C LYS A 337 -8.12 2.71 10.59
N GLU A 338 -8.27 3.98 10.24
N GLU A 338 -8.25 3.98 10.21
CA GLU A 338 -9.39 4.79 10.76
CA GLU A 338 -9.36 4.83 10.65
C GLU A 338 -10.75 4.23 10.30
C GLU A 338 -10.72 4.22 10.29
N MET A 339 -10.76 3.46 9.21
CA MET A 339 -11.97 2.82 8.73
C MET A 339 -12.27 1.48 9.45
N GLY A 340 -11.34 1.00 10.26
CA GLY A 340 -11.51 -0.30 10.94
C GLY A 340 -10.82 -1.45 10.23
N VAL A 341 -10.12 -1.14 9.12
CA VAL A 341 -9.24 -2.10 8.44
C VAL A 341 -8.14 -2.63 9.37
N ASN A 342 -7.91 -3.94 9.32
CA ASN A 342 -6.86 -4.55 10.13
C ASN A 342 -5.88 -5.39 9.30
N SER A 343 -6.12 -5.47 7.98
N SER A 343 -6.06 -5.40 7.97
CA SER A 343 -5.28 -6.27 7.06
CA SER A 343 -5.26 -6.23 7.07
C SER A 343 -5.20 -5.63 5.67
C SER A 343 -5.23 -5.67 5.65
N ILE A 344 -4.08 -5.84 4.99
CA ILE A 344 -3.92 -5.40 3.62
C ILE A 344 -3.29 -6.51 2.78
N ARG A 345 -3.63 -6.49 1.51
CA ARG A 345 -3.09 -7.39 0.53
C ARG A 345 -2.36 -6.52 -0.53
N THR A 346 -1.11 -6.83 -0.84
CA THR A 346 -0.35 -6.00 -1.80
C THR A 346 -0.57 -6.52 -3.23
N THR A 347 -1.69 -6.14 -3.83
CA THR A 347 -2.12 -6.69 -5.10
C THR A 347 -1.38 -5.99 -6.26
N HIS A 348 -0.62 -6.71 -7.10
CA HIS A 348 -0.32 -8.15 -6.98
C HIS A 348 1.19 -8.31 -7.15
N ASN A 349 1.96 -7.82 -6.18
CA ASN A 349 3.39 -7.70 -6.37
C ASN A 349 4.01 -7.39 -5.00
N PRO A 350 5.33 -7.64 -4.85
CA PRO A 350 6.00 -7.31 -3.60
C PRO A 350 5.81 -5.83 -3.20
N ALA A 351 5.78 -5.62 -1.89
CA ALA A 351 5.55 -4.31 -1.30
C ALA A 351 6.86 -3.53 -1.26
N SER A 352 6.77 -2.20 -1.17
CA SER A 352 7.92 -1.38 -0.83
C SER A 352 8.33 -1.62 0.65
N GLU A 353 9.56 -1.28 1.00
CA GLU A 353 9.98 -1.23 2.39
C GLU A 353 9.10 -0.31 3.24
N GLN A 354 8.68 0.85 2.68
CA GLN A 354 7.78 1.75 3.40
C GLN A 354 6.46 1.10 3.79
N THR A 355 5.81 0.44 2.85
CA THR A 355 4.55 -0.24 3.15
C THR A 355 4.70 -1.23 4.31
N LEU A 356 5.77 -2.05 4.26
CA LEU A 356 5.94 -3.11 5.23
C LEU A 356 6.28 -2.57 6.60
N GLN A 357 7.12 -1.54 6.64
N GLN A 357 7.12 -1.53 6.62
CA GLN A 357 7.46 -0.88 7.89
CA GLN A 357 7.48 -0.84 7.84
C GLN A 357 6.25 -0.15 8.52
C GLN A 357 6.28 -0.14 8.51
N ILE A 358 5.46 0.53 7.72
CA ILE A 358 4.29 1.25 8.23
C ILE A 358 3.24 0.26 8.72
N ALA A 359 3.08 -0.84 8.00
CA ALA A 359 2.13 -1.88 8.44
C ALA A 359 2.55 -2.42 9.82
N ALA A 360 3.84 -2.69 10.03
CA ALA A 360 4.30 -3.14 11.36
C ALA A 360 4.03 -2.02 12.41
N GLU A 361 4.22 -0.75 12.01
CA GLU A 361 4.08 0.38 12.97
C GLU A 361 2.64 0.71 13.32
N LEU A 362 1.73 0.56 12.38
CA LEU A 362 0.32 0.92 12.59
C LEU A 362 -0.51 -0.27 13.07
N GLY A 363 0.03 -1.47 12.95
CA GLY A 363 -0.74 -2.65 13.34
C GLY A 363 -1.67 -3.10 12.22
N LEU A 364 -1.12 -3.39 11.04
CA LEU A 364 -1.94 -3.99 9.97
C LEU A 364 -1.32 -5.31 9.55
N LEU A 365 -2.13 -6.37 9.47
CA LEU A 365 -1.66 -7.64 8.92
C LEU A 365 -1.49 -7.51 7.40
N VAL A 366 -0.47 -8.17 6.87
CA VAL A 366 -0.16 -8.05 5.47
C VAL A 366 -0.07 -9.43 4.83
N GLN A 367 -0.75 -9.58 3.69
CA GLN A 367 -0.46 -10.65 2.75
C GLN A 367 0.37 -10.00 1.63
N GLU A 368 1.61 -10.44 1.46
CA GLU A 368 2.47 -9.92 0.39
C GLU A 368 2.44 -10.91 -0.76
N GLU A 369 2.22 -10.40 -1.97
CA GLU A 369 1.95 -11.26 -3.10
C GLU A 369 3.13 -11.21 -4.08
N ALA A 370 3.61 -12.37 -4.54
CA ALA A 370 4.79 -12.38 -5.39
C ALA A 370 4.47 -12.20 -6.90
N PHE A 371 3.36 -12.79 -7.38
CA PHE A 371 3.18 -12.96 -8.84
C PHE A 371 1.79 -12.59 -9.29
N ASP A 372 1.69 -11.87 -10.40
CA ASP A 372 0.40 -11.73 -11.09
C ASP A 372 0.22 -12.79 -12.22
N THR A 373 1.27 -13.57 -12.50
CA THR A 373 1.18 -14.60 -13.51
C THR A 373 2.24 -15.64 -13.23
N TRP A 374 2.09 -16.81 -13.83
CA TRP A 374 3.17 -17.82 -13.82
C TRP A 374 3.80 -17.88 -15.21
N TYR A 375 3.98 -19.07 -15.77
CA TYR A 375 4.64 -19.20 -17.09
C TYR A 375 3.67 -18.88 -18.25
N GLY A 376 2.39 -18.72 -17.97
CA GLY A 376 1.44 -18.47 -19.07
C GLY A 376 1.44 -17.02 -19.54
N GLY A 377 1.69 -16.06 -18.65
CA GLY A 377 1.60 -14.64 -19.00
C GLY A 377 0.16 -14.13 -19.04
N LYS A 378 -0.05 -12.83 -18.87
CA LYS A 378 -1.39 -12.24 -19.05
C LYS A 378 -1.31 -11.13 -20.07
N LYS A 379 -0.13 -10.50 -20.15
CA LYS A 379 0.17 -9.46 -21.13
C LYS A 379 1.49 -9.86 -21.76
N PRO A 380 1.68 -9.54 -23.05
CA PRO A 380 2.89 -10.05 -23.71
C PRO A 380 4.20 -9.58 -23.06
N TYR A 381 4.27 -8.39 -22.48
CA TYR A 381 5.56 -7.98 -21.87
C TYR A 381 5.60 -8.06 -20.35
N ASP A 382 4.69 -8.83 -19.78
CA ASP A 382 4.73 -8.98 -18.31
C ASP A 382 5.80 -9.98 -17.87
N TYR A 383 5.72 -10.43 -16.63
CA TYR A 383 6.77 -11.26 -16.04
C TYR A 383 6.72 -12.73 -16.54
N GLY A 384 5.59 -13.16 -17.11
CA GLY A 384 5.35 -14.52 -17.60
C GLY A 384 6.50 -15.07 -18.41
N ARG A 385 7.03 -14.23 -19.31
CA ARG A 385 8.14 -14.61 -20.15
C ARG A 385 9.44 -14.88 -19.41
N PHE A 386 9.59 -14.36 -18.19
CA PHE A 386 10.80 -14.62 -17.39
C PHE A 386 10.68 -15.76 -16.37
N PHE A 387 9.44 -16.15 -16.06
CA PHE A 387 9.05 -16.96 -14.89
C PHE A 387 9.86 -18.27 -14.80
N GLU A 388 10.06 -18.89 -15.94
CA GLU A 388 10.76 -20.17 -16.00
C GLU A 388 12.16 -20.10 -16.57
N LYS A 389 12.65 -18.91 -16.83
CA LYS A 389 14.00 -18.75 -17.34
C LYS A 389 14.98 -18.80 -16.18
N ASP A 390 16.21 -19.23 -16.46
N ASP A 390 16.21 -19.22 -16.48
CA ASP A 390 17.23 -19.37 -15.43
CA ASP A 390 17.28 -19.31 -15.49
C ASP A 390 17.63 -17.99 -14.92
C ASP A 390 17.57 -17.93 -14.92
N ALA A 391 17.68 -17.85 -13.59
CA ALA A 391 18.07 -16.62 -12.95
C ALA A 391 19.55 -16.33 -13.25
N THR A 392 19.84 -15.15 -13.76
CA THR A 392 21.21 -14.80 -14.08
C THR A 392 21.82 -13.87 -13.05
N HIS A 393 21.07 -13.60 -11.99
CA HIS A 393 21.59 -12.74 -10.93
C HIS A 393 22.87 -13.37 -10.40
N PRO A 394 23.91 -12.52 -10.12
CA PRO A 394 25.14 -13.18 -9.67
C PRO A 394 25.03 -13.94 -8.34
N GLU A 395 23.97 -13.74 -7.57
CA GLU A 395 23.78 -14.47 -6.33
C GLU A 395 22.72 -15.57 -6.43
N ALA A 396 22.22 -15.84 -7.63
CA ALA A 396 21.27 -16.96 -7.81
C ALA A 396 21.98 -18.28 -7.54
N ARG A 397 21.25 -19.25 -7.00
CA ARG A 397 21.78 -20.59 -6.76
C ARG A 397 21.60 -21.41 -8.03
N LYS A 398 22.40 -22.48 -8.12
CA LYS A 398 22.37 -23.39 -9.27
C LYS A 398 20.95 -23.92 -9.49
N GLY A 399 20.50 -23.86 -10.75
CA GLY A 399 19.16 -24.30 -11.12
C GLY A 399 18.00 -23.36 -10.79
N GLU A 400 18.23 -22.26 -10.05
CA GLU A 400 17.10 -21.35 -9.70
C GLU A 400 16.56 -20.68 -10.96
N LYS A 401 15.26 -20.77 -11.18
CA LYS A 401 14.60 -19.91 -12.17
C LYS A 401 14.35 -18.52 -11.55
N TRP A 402 13.96 -17.54 -12.37
CA TRP A 402 13.63 -16.20 -11.91
C TRP A 402 12.54 -16.27 -10.84
N SER A 403 11.54 -17.11 -11.08
CA SER A 403 10.46 -17.29 -10.12
C SER A 403 10.98 -17.81 -8.78
N ASP A 404 11.89 -18.79 -8.78
CA ASP A 404 12.51 -19.29 -7.53
C ASP A 404 13.27 -18.16 -6.81
N PHE A 405 14.07 -17.44 -7.57
CA PHE A 405 14.98 -16.47 -7.01
C PHE A 405 14.20 -15.27 -6.42
N ASP A 406 13.23 -14.79 -7.20
CA ASP A 406 12.39 -13.64 -6.79
C ASP A 406 11.53 -14.00 -5.55
N LEU A 407 10.92 -15.18 -5.56
CA LEU A 407 10.14 -15.59 -4.43
C LEU A 407 11.02 -15.77 -3.19
N ARG A 408 12.20 -16.38 -3.36
CA ARG A 408 13.08 -16.61 -2.22
C ARG A 408 13.52 -15.30 -1.58
N THR A 409 13.99 -14.35 -2.39
CA THR A 409 14.54 -13.10 -1.88
C THR A 409 13.46 -12.20 -1.29
N MET A 410 12.24 -12.24 -1.82
CA MET A 410 11.12 -11.55 -1.18
C MET A 410 10.85 -12.08 0.26
N VAL A 411 10.79 -13.41 0.42
CA VAL A 411 10.58 -14.02 1.71
C VAL A 411 11.72 -13.73 2.69
N GLU A 412 12.97 -13.84 2.21
CA GLU A 412 14.12 -13.52 3.04
C GLU A 412 14.07 -12.07 3.51
N ARG A 413 13.67 -11.14 2.63
CA ARG A 413 13.55 -9.71 2.99
C ARG A 413 12.57 -9.47 4.16
N GLY A 414 11.43 -10.16 4.11
CA GLY A 414 10.31 -9.87 5.02
C GLY A 414 10.05 -10.85 6.14
N LYS A 415 10.90 -11.87 6.28
CA LYS A 415 10.63 -12.99 7.18
C LYS A 415 10.66 -12.60 8.66
N ASN A 416 11.24 -11.46 9.03
CA ASN A 416 11.11 -10.98 10.44
C ASN A 416 10.01 -9.94 10.73
N ASN A 417 9.33 -9.45 9.70
CA ASN A 417 8.35 -8.42 9.90
C ASN A 417 7.09 -9.03 10.51
N PRO A 418 6.68 -8.58 11.72
CA PRO A 418 5.51 -9.17 12.40
C PRO A 418 4.17 -8.92 11.70
N ALA A 419 4.09 -7.89 10.86
CA ALA A 419 2.84 -7.60 10.14
C ALA A 419 2.57 -8.67 9.08
N ILE A 420 3.63 -9.21 8.49
CA ILE A 420 3.39 -10.14 7.39
C ILE A 420 2.89 -11.46 7.99
N PHE A 421 1.71 -11.91 7.59
CA PHE A 421 1.28 -13.24 8.03
C PHE A 421 0.97 -14.24 6.89
N MET A 422 0.99 -13.79 5.64
CA MET A 422 0.68 -14.70 4.50
C MET A 422 1.53 -14.33 3.31
N TRP A 423 1.95 -15.34 2.56
CA TRP A 423 2.73 -15.13 1.33
C TRP A 423 1.86 -15.62 0.20
N SER A 424 1.56 -14.77 -0.76
CA SER A 424 0.79 -15.26 -1.89
C SER A 424 1.68 -15.56 -3.07
N ILE A 425 1.47 -16.72 -3.68
CA ILE A 425 2.31 -17.13 -4.80
C ILE A 425 1.56 -16.98 -6.12
N GLY A 426 0.39 -16.33 -6.06
CA GLY A 426 -0.26 -15.86 -7.25
C GLY A 426 -1.70 -15.42 -7.13
N ASN A 427 -2.11 -14.59 -8.07
CA ASN A 427 -3.47 -14.12 -8.08
C ASN A 427 -4.06 -14.44 -9.44
N GLU A 428 -5.24 -15.07 -9.43
CA GLU A 428 -5.99 -15.47 -10.63
C GLU A 428 -5.06 -15.99 -11.73
N ILE A 429 -4.30 -17.03 -11.40
CA ILE A 429 -3.37 -17.63 -12.34
C ILE A 429 -4.20 -18.56 -13.23
N GLY A 430 -4.50 -18.08 -14.43
CA GLY A 430 -5.32 -18.84 -15.37
C GLY A 430 -4.76 -20.24 -15.62
N GLU A 431 -3.44 -20.38 -15.70
CA GLU A 431 -2.84 -21.67 -16.03
C GLU A 431 -2.76 -22.61 -14.81
N ALA A 432 -3.17 -22.16 -13.62
CA ALA A 432 -3.09 -23.05 -12.44
C ALA A 432 -4.34 -23.89 -12.35
N ASN A 433 -4.42 -24.85 -13.27
CA ASN A 433 -5.66 -25.59 -13.50
C ASN A 433 -5.59 -27.02 -12.97
N GLY A 434 -4.51 -27.37 -12.29
CA GLY A 434 -4.38 -28.73 -11.76
C GLY A 434 -3.80 -29.71 -12.77
N ASP A 435 -3.38 -29.25 -13.94
CA ASP A 435 -2.58 -30.09 -14.83
C ASP A 435 -1.21 -30.39 -14.20
N ALA A 436 -0.45 -31.31 -14.80
CA ALA A 436 0.79 -31.80 -14.20
C ALA A 436 1.79 -30.66 -14.05
N HIS A 437 1.78 -29.72 -15.00
CA HIS A 437 2.75 -28.64 -14.98
C HIS A 437 2.47 -27.69 -13.81
N SER A 438 1.20 -27.38 -13.60
CA SER A 438 0.82 -26.39 -12.60
C SER A 438 0.93 -27.00 -11.19
N LEU A 439 0.64 -28.30 -11.09
CA LEU A 439 0.88 -29.03 -9.86
C LEU A 439 2.36 -29.05 -9.46
N ALA A 440 3.25 -29.36 -10.42
CA ALA A 440 4.67 -29.28 -10.16
C ALA A 440 5.10 -27.87 -9.73
N THR A 441 4.51 -26.86 -10.38
CA THR A 441 4.86 -25.49 -10.09
C THR A 441 4.44 -25.06 -8.68
N VAL A 442 3.20 -25.37 -8.30
CA VAL A 442 2.74 -24.95 -6.99
C VAL A 442 3.61 -25.56 -5.87
N LYS A 443 3.97 -26.83 -6.03
CA LYS A 443 4.77 -27.51 -5.03
C LYS A 443 6.18 -26.96 -4.98
N ARG A 444 6.76 -26.65 -6.15
CA ARG A 444 8.05 -26.00 -6.20
C ARG A 444 8.02 -24.66 -5.45
N LEU A 445 6.99 -23.85 -5.69
CA LEU A 445 6.93 -22.51 -5.09
C LEU A 445 6.70 -22.60 -3.57
N VAL A 446 5.79 -23.47 -3.12
CA VAL A 446 5.55 -23.68 -1.70
C VAL A 446 6.86 -24.05 -1.00
N LYS A 447 7.64 -24.91 -1.65
CA LYS A 447 8.89 -25.43 -1.06
C LYS A 447 9.97 -24.35 -0.97
N VAL A 448 10.07 -23.50 -2.00
CA VAL A 448 11.01 -22.36 -1.96
C VAL A 448 10.77 -21.52 -0.67
N ILE A 449 9.50 -21.25 -0.39
CA ILE A 449 9.11 -20.47 0.76
C ILE A 449 9.37 -21.23 2.07
N LYS A 450 8.94 -22.50 2.14
N LYS A 450 8.94 -22.50 2.13
CA LYS A 450 9.08 -23.28 3.37
CA LYS A 450 9.10 -23.31 3.34
C LYS A 450 10.53 -23.61 3.67
C LYS A 450 10.56 -23.41 3.76
N ASP A 451 11.41 -23.44 2.69
N ASP A 451 11.47 -23.55 2.79
CA ASP A 451 12.84 -23.58 2.91
CA ASP A 451 12.90 -23.61 3.09
C ASP A 451 13.46 -22.33 3.55
C ASP A 451 13.34 -22.39 3.88
N VAL A 452 12.67 -21.26 3.65
CA VAL A 452 13.07 -20.01 4.29
C VAL A 452 12.27 -19.74 5.56
N ASP A 453 10.97 -20.04 5.54
CA ASP A 453 10.04 -19.55 6.56
C ASP A 453 8.86 -20.47 6.61
N LYS A 454 8.60 -21.07 7.77
CA LYS A 454 7.43 -21.93 7.92
C LYS A 454 6.31 -21.31 8.75
N THR A 455 6.48 -20.06 9.17
CA THR A 455 5.57 -19.48 10.18
C THR A 455 4.38 -18.76 9.57
N ARG A 456 4.38 -18.63 8.24
CA ARG A 456 3.34 -17.86 7.53
C ARG A 456 2.51 -18.68 6.53
N TYR A 457 1.24 -18.34 6.37
CA TYR A 457 0.36 -19.09 5.49
C TYR A 457 0.71 -18.84 4.04
N VAL A 458 1.03 -19.91 3.33
CA VAL A 458 1.24 -19.79 1.89
C VAL A 458 -0.14 -19.89 1.22
N THR A 459 -0.41 -18.97 0.30
CA THR A 459 -1.75 -18.87 -0.26
C THR A 459 -1.72 -18.45 -1.74
N MET A 460 -2.90 -18.37 -2.31
CA MET A 460 -3.09 -17.83 -3.66
C MET A 460 -4.49 -17.22 -3.69
N GLY A 461 -4.74 -16.28 -4.59
CA GLY A 461 -6.11 -15.80 -4.76
C GLY A 461 -6.67 -16.41 -6.02
N ALA A 462 -7.88 -16.95 -5.99
CA ALA A 462 -8.42 -17.61 -7.21
C ALA A 462 -9.87 -17.31 -7.48
N ASP A 463 -10.15 -16.85 -8.70
CA ASP A 463 -11.55 -16.66 -9.15
C ASP A 463 -12.16 -17.91 -9.78
N LYS A 464 -11.40 -18.99 -9.97
CA LYS A 464 -11.99 -20.21 -10.58
C LYS A 464 -13.10 -20.78 -9.73
N PHE A 465 -13.08 -20.49 -8.42
CA PHE A 465 -14.12 -20.91 -7.51
C PHE A 465 -15.48 -20.25 -7.72
N ARG A 466 -15.56 -19.20 -8.55
CA ARG A 466 -16.87 -18.54 -8.72
C ARG A 466 -17.69 -19.10 -9.91
N PHE A 467 -17.06 -19.88 -10.78
CA PHE A 467 -17.74 -20.38 -11.97
C PHE A 467 -18.39 -21.70 -11.66
N GLY A 468 -19.64 -21.89 -12.14
CA GLY A 468 -20.43 -23.09 -11.83
C GLY A 468 -20.55 -23.27 -10.33
N ASN A 469 -20.35 -24.50 -9.84
CA ASN A 469 -20.33 -24.77 -8.40
C ASN A 469 -18.97 -24.52 -7.74
N GLY A 470 -17.98 -24.12 -8.54
CA GLY A 470 -16.64 -23.85 -8.03
C GLY A 470 -15.63 -24.98 -8.07
N SER A 471 -16.08 -26.18 -8.43
CA SER A 471 -15.20 -27.35 -8.41
C SER A 471 -14.49 -27.51 -9.74
N GLY A 472 -13.44 -28.32 -9.76
CA GLY A 472 -12.58 -28.41 -10.93
C GLY A 472 -11.15 -28.76 -10.56
N GLY A 473 -10.31 -28.88 -11.57
CA GLY A 473 -8.92 -29.28 -11.40
C GLY A 473 -8.12 -28.33 -10.54
N HIS A 474 -8.52 -27.08 -10.51
CA HIS A 474 -7.88 -26.05 -9.69
C HIS A 474 -7.93 -26.43 -8.20
N GLU A 475 -8.87 -27.30 -7.81
CA GLU A 475 -8.94 -27.73 -6.43
C GLU A 475 -7.65 -28.41 -5.99
N LYS A 476 -6.96 -29.06 -6.92
CA LYS A 476 -5.74 -29.76 -6.56
C LYS A 476 -4.60 -28.82 -6.29
N ILE A 477 -4.63 -27.64 -6.91
CA ILE A 477 -3.65 -26.61 -6.63
C ILE A 477 -3.91 -26.07 -5.22
N ALA A 478 -5.18 -25.79 -4.93
CA ALA A 478 -5.60 -25.25 -3.63
C ALA A 478 -5.25 -26.17 -2.45
N ASP A 479 -5.34 -27.50 -2.66
CA ASP A 479 -4.92 -28.50 -1.64
C ASP A 479 -3.45 -28.39 -1.26
N GLU A 480 -2.61 -27.82 -2.13
CA GLU A 480 -1.18 -27.68 -1.85
C GLU A 480 -0.83 -26.42 -1.00
N LEU A 481 -1.81 -25.54 -0.77
CA LEU A 481 -1.59 -24.27 -0.07
C LEU A 481 -1.93 -24.43 1.41
N ASP A 482 -1.42 -23.53 2.26
CA ASP A 482 -1.86 -23.55 3.64
C ASP A 482 -3.25 -22.92 3.78
N ALA A 483 -3.55 -21.92 2.95
CA ALA A 483 -4.85 -21.26 3.05
C ALA A 483 -5.31 -20.94 1.64
N VAL A 484 -6.62 -20.96 1.43
CA VAL A 484 -7.15 -20.81 0.09
C VAL A 484 -7.96 -19.53 -0.07
N GLY A 485 -7.53 -18.64 -0.97
CA GLY A 485 -8.22 -17.36 -1.20
C GLY A 485 -9.26 -17.52 -2.30
N PHE A 486 -10.50 -17.13 -2.00
CA PHE A 486 -11.61 -17.14 -2.95
C PHE A 486 -11.81 -15.69 -3.48
N ASN A 487 -11.69 -15.51 -4.79
CA ASN A 487 -12.04 -14.22 -5.44
C ASN A 487 -13.54 -14.25 -5.87
N TYR A 488 -14.36 -13.40 -5.26
CA TYR A 488 -15.78 -13.24 -5.65
C TYR A 488 -16.60 -14.54 -5.61
N SER A 489 -16.27 -15.43 -4.70
CA SER A 489 -16.84 -16.78 -4.71
C SER A 489 -17.78 -17.09 -3.55
N GLU A 490 -18.37 -16.07 -2.94
CA GLU A 490 -19.26 -16.25 -1.80
C GLU A 490 -20.38 -17.24 -2.09
N ASP A 491 -20.92 -17.16 -3.31
CA ASP A 491 -22.05 -18.00 -3.70
C ASP A 491 -21.73 -19.51 -3.66
N ASN A 492 -20.45 -19.87 -3.80
CA ASN A 492 -20.03 -21.27 -3.75
C ASN A 492 -19.34 -21.68 -2.45
N TYR A 493 -19.22 -20.76 -1.50
CA TYR A 493 -18.55 -21.06 -0.27
C TYR A 493 -19.17 -22.27 0.47
N LYS A 494 -20.48 -22.23 0.69
CA LYS A 494 -21.15 -23.30 1.46
C LYS A 494 -20.83 -24.70 0.89
N ALA A 495 -20.98 -24.83 -0.44
CA ALA A 495 -20.65 -26.09 -1.14
C ALA A 495 -19.17 -26.42 -1.10
N LEU A 496 -18.29 -25.43 -1.31
CA LEU A 496 -16.87 -25.73 -1.23
C LEU A 496 -16.43 -26.07 0.22
N ARG A 497 -17.04 -25.42 1.23
CA ARG A 497 -16.74 -25.74 2.62
C ARG A 497 -17.15 -27.19 2.95
N ALA A 498 -18.32 -27.63 2.50
CA ALA A 498 -18.75 -29.01 2.78
C ALA A 498 -17.85 -30.04 2.07
N LYS A 499 -17.41 -29.71 0.87
CA LYS A 499 -16.47 -30.52 0.12
C LYS A 499 -15.05 -30.57 0.70
N HIS A 500 -14.57 -29.47 1.25
CA HIS A 500 -13.21 -29.42 1.75
C HIS A 500 -13.20 -28.98 3.21
N PRO A 501 -13.55 -29.94 4.12
CA PRO A 501 -13.75 -29.48 5.51
C PRO A 501 -12.52 -28.90 6.18
N LYS A 502 -11.33 -29.23 5.67
CA LYS A 502 -10.08 -28.87 6.32
C LYS A 502 -9.44 -27.60 5.78
N TRP A 503 -9.96 -27.05 4.69
CA TRP A 503 -9.40 -25.83 4.09
C TRP A 503 -9.53 -24.63 5.01
N LEU A 504 -8.50 -23.81 5.01
CA LEU A 504 -8.55 -22.48 5.62
C LEU A 504 -8.96 -21.52 4.49
N ILE A 505 -10.16 -20.97 4.62
CA ILE A 505 -10.75 -20.19 3.53
C ILE A 505 -10.94 -18.72 3.90
N TYR A 506 -10.73 -17.83 2.92
CA TYR A 506 -11.03 -16.41 3.13
C TYR A 506 -11.29 -15.81 1.75
N GLY A 507 -11.81 -14.58 1.71
CA GLY A 507 -12.05 -13.89 0.46
C GLY A 507 -10.83 -13.04 0.12
N SER A 508 -10.03 -13.49 -0.84
CA SER A 508 -8.83 -12.73 -1.20
C SER A 508 -9.16 -11.54 -2.09
N GLN A 509 -10.33 -11.53 -2.71
CA GLN A 509 -10.80 -10.37 -3.46
C GLN A 509 -12.30 -10.36 -3.43
N THR A 510 -12.89 -9.29 -2.93
CA THR A 510 -14.32 -9.25 -2.81
C THR A 510 -14.94 -7.91 -3.20
N SER A 511 -16.26 -7.96 -3.41
CA SER A 511 -17.13 -6.81 -3.67
C SER A 511 -16.92 -6.26 -5.09
N SER A 512 -15.92 -5.40 -5.25
CA SER A 512 -15.70 -4.76 -6.51
C SER A 512 -16.89 -3.90 -6.95
N ALA A 513 -17.52 -3.23 -5.98
CA ALA A 513 -18.48 -2.16 -6.22
C ALA A 513 -17.74 -1.02 -6.91
N THR A 514 -18.43 -0.26 -7.74
CA THR A 514 -17.80 0.84 -8.48
C THR A 514 -18.48 2.17 -8.09
N ARG A 515 -17.70 3.20 -7.80
CA ARG A 515 -18.24 4.39 -7.15
C ARG A 515 -17.47 5.62 -7.64
N THR A 516 -18.18 6.71 -7.91
CA THR A 516 -17.56 8.02 -8.13
C THR A 516 -17.97 8.92 -6.99
N ARG A 517 -16.99 9.55 -6.33
CA ARG A 517 -17.26 10.41 -5.17
C ARG A 517 -18.28 11.51 -5.53
N GLY A 518 -19.39 11.57 -4.79
CA GLY A 518 -20.32 12.70 -4.87
C GLY A 518 -21.29 12.61 -6.03
N SER A 519 -21.31 11.45 -6.69
CA SER A 519 -22.23 11.26 -7.82
C SER A 519 -23.23 10.18 -7.43
N TYR A 520 -24.51 10.39 -7.72
CA TYR A 520 -25.60 9.52 -7.24
C TYR A 520 -26.57 9.09 -8.34
N TYR A 521 -26.98 7.82 -8.31
CA TYR A 521 -27.80 7.29 -9.40
C TYR A 521 -28.69 6.13 -8.92
N ARG A 522 -30.01 6.29 -9.13
CA ARG A 522 -31.03 5.26 -8.86
C ARG A 522 -30.80 4.45 -7.59
N PRO A 523 -30.81 5.10 -6.43
CA PRO A 523 -30.52 4.44 -5.14
C PRO A 523 -31.41 3.25 -4.84
N GLU A 524 -32.57 3.18 -5.50
CA GLU A 524 -33.54 2.13 -5.19
C GLU A 524 -33.18 0.80 -5.87
N ARG A 525 -32.26 0.83 -6.82
CA ARG A 525 -31.91 -0.32 -7.66
C ARG A 525 -30.44 -0.70 -7.54
N GLU A 526 -30.15 -2.00 -7.60
CA GLU A 526 -28.77 -2.46 -7.70
C GLU A 526 -28.45 -2.51 -9.17
N LEU A 527 -27.34 -1.89 -9.57
CA LEU A 527 -27.02 -1.76 -10.97
C LEU A 527 -25.85 -2.65 -11.32
N LYS A 528 -26.00 -3.49 -12.33
CA LYS A 528 -24.97 -4.49 -12.59
C LYS A 528 -24.21 -4.09 -13.83
N HIS A 529 -22.94 -3.75 -13.67
CA HIS A 529 -22.11 -3.42 -14.82
C HIS A 529 -22.75 -2.38 -15.74
N SER A 530 -23.34 -1.37 -15.12
CA SER A 530 -24.12 -0.36 -15.83
C SER A 530 -23.18 0.71 -16.40
N ASN A 531 -22.88 0.61 -17.71
CA ASN A 531 -21.93 1.51 -18.35
C ASN A 531 -22.49 2.25 -19.59
N GLY A 532 -23.82 2.39 -19.65
CA GLY A 532 -24.46 3.11 -20.75
C GLY A 532 -24.07 4.59 -20.81
N PRO A 533 -24.26 5.22 -21.99
CA PRO A 533 -23.93 6.63 -22.17
C PRO A 533 -24.70 7.56 -21.22
N GLU A 534 -25.85 7.13 -20.72
CA GLU A 534 -26.59 7.91 -19.71
C GLU A 534 -25.86 7.98 -18.34
N ARG A 535 -24.86 7.12 -18.14
CA ARG A 535 -24.09 7.14 -16.89
C ARG A 535 -23.04 8.27 -16.89
N ASN A 536 -22.75 8.81 -18.08
CA ASN A 536 -21.71 9.85 -18.26
C ASN A 536 -20.39 9.55 -17.49
N TYR A 537 -19.94 8.30 -17.57
CA TYR A 537 -18.65 7.87 -17.02
C TYR A 537 -18.53 8.05 -15.50
N GLU A 538 -19.67 7.92 -14.82
CA GLU A 538 -19.74 8.04 -13.37
C GLU A 538 -20.46 6.82 -12.79
N GLN A 539 -20.14 6.49 -11.54
CA GLN A 539 -20.83 5.39 -10.84
C GLN A 539 -21.37 5.93 -9.52
N SER A 540 -22.28 5.22 -8.90
CA SER A 540 -23.05 5.80 -7.81
C SER A 540 -22.41 5.67 -6.41
N ASP A 541 -22.28 6.79 -5.72
CA ASP A 541 -21.75 6.85 -4.36
C ASP A 541 -22.79 6.36 -3.33
N TYR A 542 -24.00 5.97 -3.75
CA TYR A 542 -24.87 5.19 -2.87
C TYR A 542 -24.34 3.76 -2.67
N GLY A 543 -23.40 3.36 -3.51
CA GLY A 543 -22.77 2.05 -3.37
C GLY A 543 -23.60 0.96 -4.04
N ASN A 544 -24.52 1.35 -4.93
CA ASN A 544 -25.42 0.40 -5.56
C ASN A 544 -24.97 -0.07 -6.97
N ASP A 545 -23.84 0.43 -7.50
CA ASP A 545 -23.23 -0.07 -8.73
C ASP A 545 -22.17 -1.13 -8.38
N ARG A 546 -22.18 -2.25 -9.08
CA ARG A 546 -21.10 -3.22 -8.96
C ARG A 546 -20.91 -3.92 -10.30
N VAL A 547 -19.71 -4.46 -10.54
CA VAL A 547 -19.44 -5.17 -11.78
C VAL A 547 -20.25 -6.48 -11.86
N GLY A 548 -20.33 -7.07 -13.05
CA GLY A 548 -21.11 -8.30 -13.27
C GLY A 548 -20.78 -9.41 -12.28
N TRP A 549 -19.50 -9.61 -11.97
CA TRP A 549 -19.06 -10.68 -11.05
C TRP A 549 -18.96 -10.22 -9.60
N GLY A 550 -19.34 -8.98 -9.30
CA GLY A 550 -19.13 -8.45 -7.93
C GLY A 550 -20.38 -8.41 -7.08
N LYS A 551 -20.27 -7.70 -5.97
CA LYS A 551 -21.34 -7.57 -4.99
C LYS A 551 -21.20 -6.21 -4.36
N THR A 552 -22.28 -5.69 -3.80
CA THR A 552 -22.20 -4.45 -3.09
C THR A 552 -21.38 -4.67 -1.82
N ALA A 553 -20.91 -3.60 -1.21
CA ALA A 553 -20.25 -3.69 0.08
C ALA A 553 -21.10 -4.47 1.10
N THR A 554 -22.40 -4.18 1.12
CA THR A 554 -23.34 -4.81 2.07
C THR A 554 -23.44 -6.31 1.84
N ALA A 555 -23.62 -6.74 0.58
CA ALA A 555 -23.82 -8.17 0.30
C ALA A 555 -22.55 -8.98 0.62
N SER A 556 -21.37 -8.43 0.32
CA SER A 556 -20.16 -9.19 0.58
C SER A 556 -19.79 -9.13 2.06
N TRP A 557 -20.04 -8.02 2.72
CA TRP A 557 -19.80 -7.99 4.16
C TRP A 557 -20.77 -8.84 4.97
N THR A 558 -22.07 -8.76 4.70
CA THR A 558 -23.01 -9.52 5.53
C THR A 558 -22.72 -11.03 5.38
N PHE A 559 -22.38 -11.46 4.17
CA PHE A 559 -21.95 -12.85 3.95
C PHE A 559 -20.77 -13.23 4.88
N ASP A 560 -19.71 -12.43 4.85
CA ASP A 560 -18.51 -12.66 5.66
C ASP A 560 -18.89 -12.65 7.15
N ARG A 561 -19.63 -11.63 7.55
CA ARG A 561 -20.02 -11.47 8.94
C ARG A 561 -20.76 -12.72 9.46
N ASP A 562 -21.62 -13.29 8.64
CA ASP A 562 -22.45 -14.43 9.03
C ASP A 562 -21.76 -15.81 8.99
N ASN A 563 -20.55 -15.88 8.43
CA ASN A 563 -19.89 -17.17 8.28
C ASN A 563 -18.53 -17.24 8.94
N ALA A 564 -18.47 -17.92 10.07
CA ALA A 564 -17.26 -18.01 10.86
C ALA A 564 -16.09 -18.71 10.16
N GLY A 565 -16.38 -19.63 9.26
CA GLY A 565 -15.31 -20.39 8.56
C GLY A 565 -14.70 -19.67 7.38
N TYR A 566 -15.26 -18.52 7.01
CA TYR A 566 -14.71 -17.66 5.94
C TYR A 566 -14.01 -16.59 6.75
N ALA A 567 -12.68 -16.65 6.79
CA ALA A 567 -11.94 -15.95 7.84
C ALA A 567 -11.90 -14.40 7.75
N GLY A 568 -12.32 -13.85 6.61
CA GLY A 568 -12.38 -12.41 6.36
C GLY A 568 -12.27 -12.15 4.87
N GLN A 569 -12.01 -10.90 4.51
CA GLN A 569 -11.96 -10.54 3.11
C GLN A 569 -11.00 -9.39 2.87
N PHE A 570 -10.50 -9.31 1.64
CA PHE A 570 -9.75 -8.16 1.17
C PHE A 570 -10.55 -7.51 0.07
N ILE A 571 -11.17 -6.39 0.40
CA ILE A 571 -12.00 -5.62 -0.52
C ILE A 571 -11.20 -5.12 -1.70
N TRP A 572 -11.77 -5.32 -2.88
CA TRP A 572 -11.26 -4.75 -4.10
C TRP A 572 -11.99 -3.40 -4.33
N THR A 573 -11.38 -2.21 -4.06
CA THR A 573 -10.05 -1.99 -3.48
C THR A 573 -10.16 -0.99 -2.33
N GLY A 574 -9.11 -0.86 -1.54
CA GLY A 574 -9.12 0.15 -0.50
C GLY A 574 -9.15 1.57 -1.09
N THR A 575 -8.31 1.83 -2.10
CA THR A 575 -8.29 3.15 -2.73
C THR A 575 -8.36 2.97 -4.25
N ASP A 576 -8.86 3.99 -4.95
CA ASP A 576 -8.71 4.06 -6.37
C ASP A 576 -7.24 4.08 -6.78
N TYR A 577 -6.99 3.65 -8.01
CA TYR A 577 -5.63 3.65 -8.56
C TYR A 577 -5.74 4.01 -10.04
N ILE A 578 -4.61 4.32 -10.65
CA ILE A 578 -4.59 4.69 -12.05
C ILE A 578 -4.77 3.43 -12.91
N GLY A 579 -5.58 3.54 -13.94
CA GLY A 579 -5.88 2.39 -14.79
C GLY A 579 -7.18 1.69 -14.38
N GLU A 580 -7.34 0.44 -14.85
CA GLU A 580 -8.61 -0.34 -14.84
C GLU A 580 -9.90 0.42 -14.58
N PRO A 581 -10.37 1.20 -15.58
CA PRO A 581 -11.58 1.94 -15.28
C PRO A 581 -12.90 1.19 -15.57
N THR A 582 -12.94 -0.08 -15.23
CA THR A 582 -14.19 -0.87 -15.24
C THR A 582 -15.30 -0.11 -14.54
N PRO A 583 -16.50 -0.02 -15.15
CA PRO A 583 -17.00 -0.76 -16.31
C PRO A 583 -16.80 -0.16 -17.70
N TRP A 584 -15.76 0.65 -17.87
CA TRP A 584 -15.36 1.18 -19.17
C TRP A 584 -13.98 0.62 -19.52
N HIS A 585 -13.71 -0.58 -19.05
CA HIS A 585 -12.40 -1.18 -19.20
C HIS A 585 -12.02 -1.36 -20.68
N ASN A 586 -10.89 -0.77 -21.05
CA ASN A 586 -10.36 -0.81 -22.42
C ASN A 586 -11.31 -0.31 -23.53
N GLN A 587 -12.24 0.58 -23.16
CA GLN A 587 -12.98 1.38 -24.13
C GLN A 587 -12.15 2.65 -24.30
N ASN A 588 -11.14 2.52 -25.14
CA ASN A 588 -10.03 3.46 -25.18
C ASN A 588 -10.32 4.85 -25.70
N GLN A 589 -11.42 5.04 -26.42
N GLN A 589 -11.44 5.00 -26.41
CA GLN A 589 -11.75 6.38 -26.91
CA GLN A 589 -11.90 6.27 -26.98
C GLN A 589 -12.65 7.13 -25.93
C GLN A 589 -12.63 7.10 -25.92
N THR A 590 -13.16 6.45 -24.89
CA THR A 590 -13.84 7.17 -23.79
C THR A 590 -12.77 7.91 -22.98
N PRO A 591 -13.17 8.88 -22.14
CA PRO A 591 -12.15 9.63 -21.40
C PRO A 591 -11.55 8.93 -20.18
N VAL A 592 -12.11 7.82 -19.73
CA VAL A 592 -11.71 7.30 -18.41
C VAL A 592 -10.28 6.79 -18.34
N LYS A 593 -9.61 6.99 -17.21
CA LYS A 593 -8.22 6.55 -17.09
C LYS A 593 -7.85 6.01 -15.68
N SER A 594 -8.80 6.04 -14.74
CA SER A 594 -8.52 5.56 -13.38
C SER A 594 -9.73 4.85 -12.77
N SER A 595 -9.55 4.16 -11.64
CA SER A 595 -10.52 3.14 -11.21
C SER A 595 -11.72 3.72 -10.46
N TYR A 596 -12.77 2.92 -10.33
CA TYR A 596 -13.98 3.25 -9.61
C TYR A 596 -14.13 2.34 -8.38
N PHE A 597 -13.29 1.30 -8.30
CA PHE A 597 -13.37 0.27 -7.22
C PHE A 597 -13.07 0.74 -5.81
N GLY A 598 -12.32 1.82 -5.66
CA GLY A 598 -11.88 2.22 -4.33
C GLY A 598 -12.97 2.71 -3.38
N ILE A 599 -12.74 2.42 -2.10
CA ILE A 599 -13.52 2.98 -1.01
C ILE A 599 -13.12 4.47 -0.83
N VAL A 600 -11.87 4.79 -1.18
CA VAL A 600 -11.33 6.15 -1.08
C VAL A 600 -10.87 6.53 -2.51
N ASP A 601 -11.08 7.78 -2.93
CA ASP A 601 -10.68 8.20 -4.27
C ASP A 601 -9.14 8.40 -4.35
N THR A 602 -8.58 8.62 -5.54
CA THR A 602 -7.11 8.76 -5.70
C THR A 602 -6.58 10.00 -4.99
N ALA A 603 -7.44 10.99 -4.74
CA ALA A 603 -7.05 12.18 -4.01
C ALA A 603 -7.06 11.96 -2.47
N GLY A 604 -7.33 10.73 -2.03
CA GLY A 604 -7.36 10.46 -0.59
C GLY A 604 -8.66 10.91 0.10
N ILE A 605 -9.72 11.20 -0.67
CA ILE A 605 -11.03 11.60 -0.11
C ILE A 605 -11.98 10.40 -0.05
N PRO A 606 -12.52 10.09 1.15
CA PRO A 606 -13.38 8.90 1.32
C PRO A 606 -14.64 9.02 0.49
N LYS A 607 -15.07 7.93 -0.13
CA LYS A 607 -16.41 7.86 -0.68
C LYS A 607 -17.36 7.45 0.45
N HIS A 608 -18.67 7.44 0.21
CA HIS A 608 -19.58 7.18 1.33
C HIS A 608 -19.44 5.79 1.92
N ASP A 609 -19.10 4.80 1.07
CA ASP A 609 -18.87 3.45 1.56
C ASP A 609 -17.75 3.34 2.59
N PHE A 610 -16.83 4.30 2.65
CA PHE A 610 -15.83 4.36 3.74
C PHE A 610 -16.55 4.33 5.08
N TYR A 611 -17.64 5.09 5.18
CA TYR A 611 -18.35 5.26 6.45
C TYR A 611 -19.27 4.09 6.70
N LEU A 612 -19.75 3.44 5.65
CA LEU A 612 -20.41 2.14 5.81
C LEU A 612 -19.48 1.16 6.55
N TYR A 613 -18.30 0.92 5.99
CA TYR A 613 -17.33 0.01 6.63
C TYR A 613 -16.98 0.44 8.04
N GLN A 614 -16.78 1.75 8.24
CA GLN A 614 -16.41 2.25 9.53
C GLN A 614 -17.52 1.91 10.54
N SER A 615 -18.78 2.07 10.10
CA SER A 615 -19.91 1.81 10.96
C SER A 615 -19.94 0.34 11.39
N GLN A 616 -19.47 -0.57 10.53
CA GLN A 616 -19.46 -2.02 10.80
C GLN A 616 -18.24 -2.50 11.58
N TRP A 617 -17.09 -1.87 11.37
CA TRP A 617 -15.81 -2.40 11.80
C TRP A 617 -15.19 -1.68 12.99
N VAL A 618 -15.66 -0.48 13.29
CA VAL A 618 -15.09 0.31 14.39
C VAL A 618 -16.13 0.33 15.48
N SER A 619 -15.74 -0.04 16.70
CA SER A 619 -16.75 -0.14 17.75
C SER A 619 -17.17 1.25 18.21
N VAL A 620 -18.42 1.34 18.69
CA VAL A 620 -18.99 2.56 19.20
C VAL A 620 -18.21 3.06 20.42
N LYS A 621 -17.60 2.16 21.20
CA LYS A 621 -16.75 2.59 22.32
C LYS A 621 -15.49 3.26 21.80
N LYS A 622 -14.88 2.69 20.76
CA LYS A 622 -13.65 3.25 20.18
C LYS A 622 -13.86 4.60 19.44
N LYS A 623 -14.86 4.69 18.56
CA LYS A 623 -15.12 5.95 17.85
C LYS A 623 -16.60 6.01 17.44
N PRO A 624 -17.45 6.61 18.30
CA PRO A 624 -18.85 6.79 17.94
C PRO A 624 -18.93 7.69 16.70
N MET A 625 -19.72 7.30 15.70
CA MET A 625 -19.78 8.13 14.50
C MET A 625 -21.16 8.05 13.87
N VAL A 626 -21.48 9.03 13.01
CA VAL A 626 -22.64 8.94 12.14
C VAL A 626 -22.27 9.70 10.86
N HIS A 627 -22.84 9.27 9.74
CA HIS A 627 -22.46 9.86 8.47
C HIS A 627 -23.69 9.86 7.59
N LEU A 628 -24.02 11.03 7.03
CA LEU A 628 -25.16 11.19 6.09
C LEU A 628 -24.76 11.22 4.62
N LEU A 629 -25.63 10.70 3.77
CA LEU A 629 -25.55 10.92 2.36
C LEU A 629 -27.00 11.04 1.87
N PRO A 630 -27.22 11.62 0.69
CA PRO A 630 -26.26 12.21 -0.28
C PRO A 630 -25.96 13.68 0.12
N HIS A 631 -25.79 14.59 -0.84
CA HIS A 631 -25.72 16.01 -0.47
C HIS A 631 -27.13 16.59 -0.38
N TRP A 632 -27.23 17.86 -0.09
CA TRP A 632 -28.52 18.53 -0.01
C TRP A 632 -28.65 19.68 -1.03
N ASN A 633 -28.15 19.47 -2.24
CA ASN A 633 -28.35 20.44 -3.32
C ASN A 633 -29.14 19.83 -4.46
N TRP A 634 -30.44 20.01 -4.42
CA TRP A 634 -31.30 19.32 -5.37
C TRP A 634 -32.12 20.24 -6.27
N GLU A 635 -31.56 21.45 -6.44
N GLU A 635 -31.53 21.39 -6.52
CA GLU A 635 -32.12 22.45 -7.36
CA GLU A 635 -32.16 22.43 -7.31
C GLU A 635 -32.18 21.93 -8.80
C GLU A 635 -32.05 22.15 -8.84
N ASN A 636 -31.09 21.31 -9.24
CA ASN A 636 -30.95 20.90 -10.64
C ASN A 636 -31.86 19.70 -10.97
N LYS A 637 -32.78 19.88 -11.91
CA LYS A 637 -33.82 18.88 -12.17
C LYS A 637 -33.25 17.58 -12.69
N GLU A 638 -32.26 17.70 -13.57
CA GLU A 638 -31.60 16.54 -14.13
C GLU A 638 -30.84 15.72 -13.05
N LEU A 639 -30.08 16.39 -12.17
CA LEU A 639 -29.45 15.68 -11.05
C LEU A 639 -30.49 14.99 -10.19
N ALA A 640 -31.51 15.73 -9.74
CA ALA A 640 -32.54 15.19 -8.86
C ALA A 640 -33.37 14.06 -9.44
N SER A 641 -33.65 14.09 -10.74
CA SER A 641 -34.53 13.06 -11.30
C SER A 641 -33.89 11.64 -11.27
N LYS A 642 -32.57 11.57 -11.15
CA LYS A 642 -31.87 10.30 -11.11
C LYS A 642 -31.85 9.74 -9.68
N VAL A 643 -32.31 10.53 -8.72
CA VAL A 643 -32.20 10.17 -7.30
C VAL A 643 -33.58 10.11 -6.58
N ALA A 644 -34.42 11.11 -6.84
CA ALA A 644 -35.72 11.25 -6.17
C ALA A 644 -36.60 10.07 -6.51
N ASP A 645 -37.44 9.66 -5.56
CA ASP A 645 -38.43 8.61 -5.82
C ASP A 645 -39.66 9.16 -6.54
N SER A 646 -40.65 8.31 -6.74
CA SER A 646 -41.90 8.67 -7.47
C SER A 646 -42.67 9.88 -6.88
N GLU A 647 -42.47 10.13 -5.59
CA GLU A 647 -43.08 11.26 -4.89
C GLU A 647 -42.21 12.51 -4.80
N GLY A 648 -41.03 12.46 -5.43
CA GLY A 648 -40.08 13.59 -5.42
C GLY A 648 -39.21 13.63 -4.17
N LYS A 649 -39.26 12.56 -3.37
CA LYS A 649 -38.50 12.57 -2.13
C LYS A 649 -37.09 12.05 -2.33
N ILE A 650 -36.14 12.63 -1.59
CA ILE A 650 -34.73 12.20 -1.62
C ILE A 650 -34.48 11.11 -0.55
N PRO A 651 -33.95 9.95 -0.93
CA PRO A 651 -33.59 9.00 0.16
C PRO A 651 -32.28 9.40 0.84
N VAL A 652 -32.42 9.80 2.08
CA VAL A 652 -31.33 10.25 2.89
C VAL A 652 -30.98 9.08 3.82
N ARG A 653 -29.69 8.71 3.87
CA ARG A 653 -29.26 7.53 4.58
C ARG A 653 -28.19 7.89 5.58
N ALA A 654 -28.21 7.22 6.73
CA ALA A 654 -27.20 7.42 7.78
C ALA A 654 -26.50 6.07 8.07
N TYR A 655 -25.17 6.07 8.07
CA TYR A 655 -24.36 4.99 8.58
C TYR A 655 -23.92 5.40 9.97
N SER A 656 -24.01 4.49 10.93
CA SER A 656 -23.66 4.82 12.29
C SER A 656 -23.36 3.54 13.03
N ASN A 657 -22.44 3.61 13.99
CA ASN A 657 -22.27 2.48 14.92
C ASN A 657 -23.06 2.67 16.24
N ALA A 658 -23.84 3.74 16.34
CA ALA A 658 -24.66 4.02 17.54
C ALA A 658 -25.98 3.21 17.55
N SER A 659 -26.79 3.37 18.61
CA SER A 659 -28.03 2.58 18.73
C SER A 659 -29.13 3.14 17.87
N SER A 660 -29.20 4.47 17.82
CA SER A 660 -30.24 5.12 17.04
C SER A 660 -29.73 6.41 16.37
N VAL A 661 -30.42 6.84 15.32
CA VAL A 661 -30.11 8.10 14.66
C VAL A 661 -31.41 8.87 14.51
N GLU A 662 -31.40 10.14 14.86
CA GLU A 662 -32.57 10.98 14.57
C GLU A 662 -32.24 12.07 13.56
N LEU A 663 -33.03 12.16 12.51
CA LEU A 663 -32.75 13.12 11.46
C LEU A 663 -33.59 14.41 11.63
N PHE A 664 -32.92 15.55 11.57
CA PHE A 664 -33.61 16.84 11.65
C PHE A 664 -33.47 17.60 10.33
N LEU A 665 -34.59 18.13 9.83
CA LEU A 665 -34.56 19.04 8.69
C LEU A 665 -34.87 20.47 9.14
N ASN A 666 -33.88 21.37 9.01
CA ASN A 666 -34.02 22.77 9.47
C ASN A 666 -34.55 22.84 10.90
N GLY A 667 -33.96 22.03 11.79
CA GLY A 667 -34.34 21.98 13.22
C GLY A 667 -35.56 21.16 13.59
N LYS A 668 -36.28 20.63 12.60
CA LYS A 668 -37.51 19.87 12.86
C LYS A 668 -37.28 18.36 12.69
N SER A 669 -37.70 17.55 13.67
CA SER A 669 -37.41 16.12 13.62
C SER A 669 -38.19 15.43 12.54
N LEU A 670 -37.52 14.51 11.84
CA LEU A 670 -38.19 13.66 10.88
C LEU A 670 -38.34 12.26 11.43
N GLY A 671 -38.04 12.09 12.71
CA GLY A 671 -38.24 10.81 13.37
C GLY A 671 -36.92 10.13 13.71
N LEU A 672 -36.84 9.62 14.95
CA LEU A 672 -35.75 8.78 15.42
C LEU A 672 -35.93 7.34 14.93
N LYS A 673 -34.86 6.73 14.40
CA LYS A 673 -34.90 5.33 13.97
C LYS A 673 -33.81 4.58 14.72
N THR A 674 -34.04 3.29 14.93
CA THR A 674 -33.26 2.52 15.86
C THR A 674 -32.75 1.32 15.07
N PHE A 675 -31.47 1.03 15.18
CA PHE A 675 -30.95 -0.20 14.56
C PHE A 675 -31.51 -1.42 15.29
N ASN A 676 -31.74 -2.49 14.53
N ASN A 676 -31.73 -2.49 14.54
CA ASN A 676 -32.09 -3.81 15.04
CA ASN A 676 -32.11 -3.78 15.09
C ASN A 676 -30.80 -4.53 15.46
C ASN A 676 -30.87 -4.61 15.45
N LYS A 677 -30.72 -4.91 16.74
CA LYS A 677 -29.56 -5.67 17.26
C LYS A 677 -29.76 -7.16 17.07
N LYS A 678 -28.74 -7.84 16.55
CA LYS A 678 -28.82 -9.26 16.26
C LYS A 678 -27.53 -9.97 16.62
N GLN A 679 -27.54 -11.30 16.54
CA GLN A 679 -26.37 -12.11 16.80
C GLN A 679 -26.13 -13.11 15.70
N THR A 680 -24.85 -13.32 15.37
CA THR A 680 -24.48 -14.44 14.52
C THR A 680 -24.68 -15.75 15.30
N SER A 681 -24.92 -16.84 14.58
CA SER A 681 -25.10 -18.17 15.20
C SER A 681 -23.96 -18.61 16.15
N ASP A 682 -22.79 -17.99 16.01
CA ASP A 682 -21.67 -18.21 16.94
C ASP A 682 -21.51 -17.08 17.97
N GLY A 683 -22.52 -16.22 18.09
CA GLY A 683 -22.59 -15.23 19.17
C GLY A 683 -22.03 -13.83 18.99
N ARG A 684 -21.45 -13.53 17.81
CA ARG A 684 -20.96 -12.16 17.52
C ARG A 684 -22.13 -11.20 17.30
N THR A 685 -22.12 -10.10 18.05
CA THR A 685 -23.16 -9.09 17.99
C THR A 685 -23.06 -8.18 16.73
N TYR A 686 -24.18 -7.86 16.09
CA TYR A 686 -24.19 -6.88 14.99
C TYR A 686 -25.49 -6.06 14.92
N GLN A 687 -25.45 -4.95 14.15
CA GLN A 687 -26.63 -4.10 13.91
C GLN A 687 -27.05 -4.05 12.45
N GLU A 688 -28.35 -3.96 12.21
CA GLU A 688 -28.83 -3.75 10.85
C GLU A 688 -30.02 -2.78 10.85
N GLY A 689 -30.41 -2.32 9.66
CA GLY A 689 -31.53 -1.41 9.53
C GLY A 689 -32.87 -2.12 9.35
N ALA A 690 -33.68 -1.60 8.44
CA ALA A 690 -35.06 -2.03 8.27
C ALA A 690 -35.19 -3.49 7.81
N ASN A 691 -34.17 -4.03 7.15
CA ASN A 691 -34.14 -5.45 6.80
C ASN A 691 -32.68 -5.92 6.69
N ALA A 692 -32.46 -7.20 6.38
CA ALA A 692 -31.10 -7.79 6.38
C ALA A 692 -30.16 -7.21 5.30
N ASN A 693 -30.72 -6.56 4.29
CA ASN A 693 -29.92 -6.00 3.22
C ASN A 693 -29.65 -4.52 3.39
N GLU A 694 -29.97 -3.97 4.55
CA GLU A 694 -29.76 -2.55 4.79
C GLU A 694 -29.03 -2.35 6.10
N LEU A 695 -27.84 -1.77 6.00
CA LEU A 695 -27.00 -1.55 7.14
C LEU A 695 -27.11 -0.11 7.60
N TYR A 696 -27.81 0.70 6.82
CA TYR A 696 -28.05 2.10 7.14
C TYR A 696 -29.45 2.30 7.74
N LEU A 697 -29.72 3.47 8.31
CA LEU A 697 -31.10 3.90 8.52
C LEU A 697 -31.42 4.90 7.40
N GLU A 698 -32.66 4.88 6.94
CA GLU A 698 -33.08 5.67 5.79
C GLU A 698 -34.34 6.48 6.07
N TRP A 699 -34.36 7.73 5.61
CA TRP A 699 -35.55 8.58 5.55
C TRP A 699 -35.78 9.04 4.12
N LYS A 700 -37.05 9.08 3.69
CA LYS A 700 -37.40 9.65 2.38
C LYS A 700 -37.85 11.08 2.68
N VAL A 701 -37.05 12.06 2.23
CA VAL A 701 -37.23 13.42 2.71
C VAL A 701 -37.64 14.28 1.53
N ALA A 702 -38.75 14.98 1.70
CA ALA A 702 -39.23 15.95 0.72
C ALA A 702 -38.25 17.10 0.76
N TYR A 703 -37.84 17.56 -0.40
CA TYR A 703 -36.73 18.50 -0.47
C TYR A 703 -37.11 19.92 -0.05
N GLN A 704 -36.57 20.35 1.07
N GLN A 704 -36.60 20.37 1.08
CA GLN A 704 -36.56 21.74 1.44
CA GLN A 704 -36.61 21.78 1.43
C GLN A 704 -35.12 22.14 1.75
C GLN A 704 -35.17 22.17 1.78
N PRO A 705 -34.56 23.08 0.98
CA PRO A 705 -33.21 23.58 1.19
C PRO A 705 -32.98 24.00 2.65
N GLY A 706 -31.76 23.82 3.11
CA GLY A 706 -31.36 24.19 4.45
C GLY A 706 -30.34 23.18 4.98
N THR A 707 -30.60 22.68 6.18
CA THR A 707 -29.67 21.87 6.93
C THR A 707 -30.34 20.57 7.35
N LEU A 708 -29.68 19.46 7.07
CA LEU A 708 -30.06 18.15 7.56
C LEU A 708 -29.03 17.76 8.57
N GLU A 709 -29.49 17.40 9.76
CA GLU A 709 -28.58 17.10 10.85
C GLU A 709 -28.98 15.77 11.44
N ALA A 710 -28.01 14.89 11.65
CA ALA A 710 -28.26 13.57 12.22
C ALA A 710 -27.68 13.55 13.62
N ILE A 711 -28.48 13.06 14.58
CA ILE A 711 -28.03 12.96 15.99
C ILE A 711 -27.98 11.49 16.34
N ALA A 712 -26.79 11.00 16.64
CA ALA A 712 -26.66 9.58 16.93
C ALA A 712 -26.64 9.43 18.44
N ARG A 713 -27.36 8.44 18.95
CA ARG A 713 -27.44 8.26 20.42
C ARG A 713 -27.10 6.85 20.91
N ASP A 714 -26.55 6.75 22.12
CA ASP A 714 -26.43 5.44 22.77
C ASP A 714 -27.79 4.88 23.24
N GLU A 715 -27.83 3.65 23.76
N GLU A 715 -27.72 3.67 23.80
CA GLU A 715 -29.11 3.05 24.17
CA GLU A 715 -28.84 2.90 24.33
C GLU A 715 -29.84 3.90 25.20
C GLU A 715 -29.74 3.71 25.29
N SER A 716 -29.11 4.57 26.09
CA SER A 716 -29.76 5.36 27.12
C SER A 716 -30.27 6.73 26.64
N GLY A 717 -30.16 6.98 25.33
CA GLY A 717 -30.57 8.28 24.77
C GLY A 717 -29.58 9.43 24.86
N LYS A 718 -28.34 9.19 25.27
CA LYS A 718 -27.34 10.26 25.22
C LYS A 718 -26.73 10.39 23.81
N GLU A 719 -26.60 11.63 23.34
CA GLU A 719 -25.93 11.93 22.07
C GLU A 719 -24.43 11.55 22.11
N ILE A 720 -23.97 10.73 21.18
CA ILE A 720 -22.54 10.36 21.13
C ILE A 720 -21.88 10.83 19.82
N ALA A 721 -22.70 11.20 18.81
CA ALA A 721 -22.16 11.71 17.54
C ALA A 721 -23.21 12.51 16.76
N ARG A 722 -22.75 13.37 15.87
CA ARG A 722 -23.66 14.04 14.92
C ARG A 722 -22.99 14.32 13.57
N ASP A 723 -23.80 14.47 12.53
CA ASP A 723 -23.33 14.85 11.20
C ASP A 723 -24.35 15.79 10.59
N LYS A 724 -23.95 16.57 9.60
CA LYS A 724 -24.75 17.68 9.14
C LYS A 724 -24.41 17.94 7.66
N ILE A 725 -25.43 18.04 6.80
CA ILE A 725 -25.24 18.50 5.41
C ILE A 725 -26.07 19.78 5.18
N THR A 726 -25.54 20.72 4.40
CA THR A 726 -26.18 22.03 4.19
C THR A 726 -26.28 22.33 2.69
N THR A 727 -27.41 22.87 2.27
CA THR A 727 -27.58 23.37 0.90
C THR A 727 -26.59 24.51 0.66
N ALA A 728 -25.72 24.41 -0.33
CA ALA A 728 -24.76 25.48 -0.63
C ALA A 728 -25.42 26.50 -1.58
N GLY A 729 -25.04 27.77 -1.48
CA GLY A 729 -25.39 28.76 -2.53
C GLY A 729 -24.40 28.64 -3.70
N LYS A 730 -24.30 29.70 -4.50
CA LYS A 730 -23.38 29.65 -5.64
C LYS A 730 -21.92 29.79 -5.21
N PRO A 731 -20.98 29.24 -6.01
CA PRO A 731 -19.56 29.40 -5.69
C PRO A 731 -19.17 30.86 -5.42
N ALA A 732 -18.45 31.09 -4.33
CA ALA A 732 -17.97 32.43 -3.94
C ALA A 732 -16.44 32.44 -3.67
N ALA A 733 -15.88 31.31 -3.24
CA ALA A 733 -14.46 31.27 -2.82
C ALA A 733 -13.83 29.88 -3.00
N VAL A 734 -12.51 29.83 -3.16
CA VAL A 734 -11.77 28.58 -2.93
C VAL A 734 -11.33 28.56 -1.47
N ARG A 735 -11.54 27.48 -0.74
CA ARG A 735 -11.00 27.35 0.61
C ARG A 735 -9.92 26.24 0.65
N LEU A 736 -8.80 26.51 1.31
CA LEU A 736 -7.74 25.55 1.50
C LEU A 736 -7.78 25.00 2.93
N ILE A 737 -7.56 23.69 3.05
N ILE A 737 -7.64 23.69 3.07
CA ILE A 737 -7.66 22.93 4.29
CA ILE A 737 -7.62 23.03 4.37
C ILE A 737 -6.33 22.19 4.50
C ILE A 737 -6.34 22.25 4.49
N LYS A 738 -5.56 22.59 5.51
CA LYS A 738 -4.30 21.91 5.85
C LYS A 738 -4.59 20.61 6.58
N GLU A 739 -3.91 19.53 6.22
CA GLU A 739 -3.85 18.35 7.11
C GLU A 739 -2.79 18.52 8.21
N ASP A 740 -1.69 19.19 7.90
CA ASP A 740 -0.56 19.34 8.84
C ASP A 740 -0.31 20.84 9.05
N HIS A 741 -0.04 21.24 10.28
CA HIS A 741 0.43 22.59 10.53
C HIS A 741 1.90 22.71 10.14
N ALA A 742 2.60 21.60 10.13
CA ALA A 742 4.03 21.63 9.87
C ALA A 742 4.51 20.28 9.44
N ILE A 743 5.62 20.23 8.70
CA ILE A 743 6.22 18.95 8.32
C ILE A 743 7.73 19.03 8.49
N ALA A 744 8.41 17.90 8.30
CA ALA A 744 9.86 17.88 8.46
C ALA A 744 10.55 18.54 7.25
N ALA A 745 11.66 19.25 7.49
CA ALA A 745 12.49 19.78 6.40
C ALA A 745 13.56 18.77 6.00
N ASP A 746 13.13 17.70 5.36
CA ASP A 746 14.06 16.63 5.01
C ASP A 746 14.05 16.35 3.50
N GLY A 747 13.25 17.12 2.74
CA GLY A 747 13.11 16.87 1.30
C GLY A 747 12.32 15.59 0.99
N LYS A 748 11.59 15.07 1.97
CA LYS A 748 10.85 13.79 1.77
C LYS A 748 9.40 13.86 2.29
N ASP A 749 9.24 14.52 3.42
CA ASP A 749 7.96 14.64 4.07
C ASP A 749 7.10 15.46 3.13
N LEU A 750 5.81 15.25 3.13
N LEU A 750 5.81 15.15 3.12
CA LEU A 750 4.98 16.11 2.33
CA LEU A 750 4.82 15.78 2.24
C LEU A 750 3.66 16.23 3.02
C LEU A 750 3.69 16.31 3.10
N THR A 751 2.83 17.14 2.51
CA THR A 751 1.55 17.40 3.10
C THR A 751 0.49 17.48 2.00
N TYR A 752 -0.73 17.07 2.37
CA TYR A 752 -1.91 17.11 1.52
C TYR A 752 -2.74 18.32 1.96
N ILE A 753 -2.94 19.28 1.06
CA ILE A 753 -3.78 20.42 1.31
C ILE A 753 -4.99 20.31 0.41
N TYR A 754 -6.17 20.13 1.00
CA TYR A 754 -7.41 20.03 0.24
C TYR A 754 -7.87 21.40 -0.18
N TYR A 755 -8.47 21.48 -1.36
CA TYR A 755 -9.11 22.71 -1.77
C TYR A 755 -10.58 22.43 -1.99
N GLU A 756 -11.43 23.37 -1.63
CA GLU A 756 -12.87 23.20 -1.82
C GLU A 756 -13.45 24.47 -2.41
N ILE A 757 -14.51 24.32 -3.18
CA ILE A 757 -15.25 25.45 -3.68
C ILE A 757 -16.41 25.69 -2.71
N VAL A 758 -16.47 26.89 -2.12
CA VAL A 758 -17.48 27.16 -1.10
C VAL A 758 -18.33 28.37 -1.49
N ASP A 759 -19.57 28.41 -0.99
CA ASP A 759 -20.43 29.57 -1.19
C ASP A 759 -20.01 30.66 -0.18
N SER A 760 -20.77 31.75 -0.10
CA SER A 760 -20.34 32.89 0.71
C SER A 760 -20.50 32.66 2.20
N GLN A 761 -21.15 31.56 2.60
N GLN A 761 -21.12 31.54 2.57
CA GLN A 761 -21.25 31.23 4.01
CA GLN A 761 -21.31 31.16 3.97
C GLN A 761 -20.22 30.18 4.43
C GLN A 761 -20.35 30.04 4.36
N GLY A 762 -19.40 29.72 3.48
CA GLY A 762 -18.43 28.66 3.77
C GLY A 762 -18.93 27.21 3.62
N ASN A 763 -20.07 27.02 2.96
CA ASN A 763 -20.54 25.66 2.67
C ASN A 763 -19.93 25.19 1.36
N VAL A 764 -19.44 23.95 1.33
CA VAL A 764 -18.91 23.33 0.12
C VAL A 764 -20.02 23.19 -0.90
N VAL A 765 -19.74 23.60 -2.14
CA VAL A 765 -20.66 23.44 -3.26
C VAL A 765 -20.46 22.04 -3.90
N PRO A 766 -21.42 21.12 -3.72
CA PRO A 766 -21.10 19.71 -3.94
C PRO A 766 -21.06 19.33 -5.40
N THR A 767 -21.55 20.21 -6.28
CA THR A 767 -21.53 20.00 -7.72
C THR A 767 -20.37 20.75 -8.40
N ALA A 768 -19.58 21.49 -7.63
CA ALA A 768 -18.69 22.48 -8.27
C ALA A 768 -17.48 21.86 -8.96
N ASN A 769 -17.19 22.35 -10.14
CA ASN A 769 -16.04 21.91 -10.91
C ASN A 769 -15.08 23.03 -11.31
N ASN A 770 -15.10 24.14 -10.59
CA ASN A 770 -14.29 25.30 -10.96
C ASN A 770 -12.80 25.01 -11.08
N LEU A 771 -12.17 25.60 -12.10
CA LEU A 771 -10.73 25.49 -12.31
C LEU A 771 -9.97 26.30 -11.27
N VAL A 772 -9.02 25.66 -10.61
CA VAL A 772 -8.24 26.34 -9.59
C VAL A 772 -6.77 26.46 -10.04
N ARG A 773 -6.16 27.62 -9.85
N ARG A 773 -6.15 27.60 -9.78
CA ARG A 773 -4.72 27.78 -10.14
CA ARG A 773 -4.75 27.86 -10.13
C ARG A 773 -4.02 27.95 -8.80
C ARG A 773 -3.95 28.09 -8.83
N PHE A 774 -2.81 27.42 -8.69
CA PHE A 774 -2.06 27.40 -7.43
C PHE A 774 -0.74 28.14 -7.59
N GLN A 775 -0.36 28.90 -6.56
CA GLN A 775 1.00 29.44 -6.47
C GLN A 775 1.63 28.88 -5.20
N LEU A 776 2.91 28.56 -5.26
CA LEU A 776 3.60 28.12 -4.07
C LEU A 776 4.80 29.04 -3.85
N HIS A 777 4.95 29.58 -2.64
CA HIS A 777 6.15 30.35 -2.28
C HIS A 777 6.80 29.71 -1.08
N GLY A 778 8.11 29.87 -0.98
CA GLY A 778 8.88 29.49 0.18
C GLY A 778 9.50 28.10 0.08
N GLN A 779 9.71 27.45 1.22
CA GLN A 779 10.54 26.25 1.30
C GLN A 779 9.73 24.96 1.08
N GLY A 780 9.16 24.80 -0.10
CA GLY A 780 8.43 23.61 -0.45
C GLY A 780 8.37 23.47 -1.97
N GLN A 781 7.79 22.36 -2.42
CA GLN A 781 7.71 22.05 -3.85
C GLN A 781 6.39 21.35 -4.15
N LEU A 782 5.59 21.91 -5.04
CA LEU A 782 4.41 21.21 -5.51
C LEU A 782 4.76 19.93 -6.21
N VAL A 783 4.13 18.83 -5.81
CA VAL A 783 4.43 17.56 -6.45
C VAL A 783 3.18 16.85 -6.97
N GLY A 784 2.00 17.44 -6.80
CA GLY A 784 0.82 16.76 -7.33
C GLY A 784 -0.45 17.55 -7.15
N VAL A 785 -1.39 17.40 -8.10
CA VAL A 785 -2.74 17.90 -7.91
C VAL A 785 -3.69 16.81 -8.38
N ASP A 786 -4.83 16.66 -7.73
CA ASP A 786 -5.75 15.59 -8.09
C ASP A 786 -7.14 15.90 -7.60
N ASN A 787 -8.14 15.38 -8.28
CA ASN A 787 -9.50 15.52 -7.76
C ASN A 787 -10.26 14.20 -7.75
N GLY A 788 -9.59 13.11 -8.12
CA GLY A 788 -10.19 11.77 -8.03
C GLY A 788 -11.21 11.44 -9.12
N GLU A 789 -11.49 12.38 -10.03
CA GLU A 789 -12.49 12.12 -11.07
C GLU A 789 -11.99 11.11 -12.11
N GLN A 790 -12.70 10.00 -12.29
CA GLN A 790 -12.23 8.95 -13.19
C GLN A 790 -12.12 9.45 -14.66
N ALA A 791 -13.09 10.26 -15.06
CA ALA A 791 -13.21 10.71 -16.45
C ALA A 791 -12.31 11.92 -16.73
N SER A 792 -11.65 12.46 -15.72
CA SER A 792 -10.73 13.57 -15.96
C SER A 792 -9.49 13.15 -16.73
N ARG A 793 -9.11 13.95 -17.71
CA ARG A 793 -7.81 13.78 -18.38
C ARG A 793 -6.83 14.90 -18.10
N GLU A 794 -7.03 15.58 -16.97
CA GLU A 794 -6.16 16.66 -16.54
C GLU A 794 -4.86 16.07 -16.02
N ARG A 795 -3.79 16.85 -16.17
N ARG A 795 -3.78 16.85 -16.16
CA ARG A 795 -2.50 16.47 -15.60
CA ARG A 795 -2.48 16.48 -15.63
C ARG A 795 -2.56 16.38 -14.07
C ARG A 795 -2.49 16.44 -14.08
N TYR A 796 -1.75 15.48 -13.54
CA TYR A 796 -1.50 15.35 -12.11
C TYR A 796 -0.32 16.23 -11.72
N LYS A 797 0.49 16.57 -12.73
CA LYS A 797 1.72 17.33 -12.54
C LYS A 797 1.62 18.75 -13.13
N ALA A 798 2.73 19.47 -13.20
CA ALA A 798 2.71 20.84 -13.73
C ALA A 798 2.36 20.82 -15.22
N GLN A 799 1.71 21.88 -15.66
CA GLN A 799 1.45 22.13 -17.08
C GLN A 799 2.80 22.42 -17.79
N ALA A 800 2.79 22.38 -19.11
CA ALA A 800 4.01 22.58 -19.92
C ALA A 800 4.62 23.97 -19.73
N ASP A 801 3.83 24.94 -19.28
CA ASP A 801 4.40 26.26 -18.94
C ASP A 801 4.86 26.37 -17.49
N GLY A 802 4.87 25.26 -16.75
CA GLY A 802 5.35 25.30 -15.35
C GLY A 802 4.23 25.63 -14.34
N SER A 803 3.03 25.88 -14.83
CA SER A 803 1.99 26.32 -13.92
C SER A 803 1.29 25.10 -13.30
N TRP A 804 0.59 25.32 -12.19
CA TRP A 804 -0.13 24.23 -11.50
C TRP A 804 -1.61 24.53 -11.46
N ILE A 805 -2.41 23.68 -12.08
CA ILE A 805 -3.85 23.95 -12.11
C ILE A 805 -4.60 22.63 -11.94
N ARG A 806 -5.84 22.70 -11.43
CA ARG A 806 -6.68 21.52 -11.36
C ARG A 806 -8.08 21.96 -11.08
N LYS A 807 -9.04 21.31 -11.70
CA LYS A 807 -10.42 21.58 -11.39
C LYS A 807 -10.80 20.91 -10.07
N ALA A 808 -11.75 21.53 -9.37
CA ALA A 808 -12.47 20.81 -8.36
C ALA A 808 -13.30 19.73 -9.04
N PHE A 809 -13.63 18.68 -8.29
CA PHE A 809 -14.60 17.74 -8.77
C PHE A 809 -15.58 17.52 -7.66
N ASN A 810 -16.86 17.77 -7.93
CA ASN A 810 -17.89 17.76 -6.91
C ASN A 810 -17.41 18.52 -5.68
N GLY A 811 -16.87 19.72 -5.93
CA GLY A 811 -16.51 20.63 -4.85
C GLY A 811 -15.10 20.59 -4.30
N LYS A 812 -14.33 19.55 -4.63
CA LYS A 812 -13.10 19.26 -3.89
C LYS A 812 -11.96 18.76 -4.74
N GLY A 813 -10.75 18.96 -4.22
CA GLY A 813 -9.58 18.29 -4.78
C GLY A 813 -8.44 18.41 -3.80
N VAL A 814 -7.24 17.98 -4.20
CA VAL A 814 -6.08 18.06 -3.31
C VAL A 814 -4.86 18.56 -4.07
N ALA A 815 -3.99 19.27 -3.37
CA ALA A 815 -2.67 19.62 -3.85
C ALA A 815 -1.67 19.00 -2.85
N ILE A 816 -0.54 18.51 -3.35
CA ILE A 816 0.43 17.83 -2.50
C ILE A 816 1.72 18.62 -2.61
N VAL A 817 2.27 19.02 -1.46
CA VAL A 817 3.48 19.82 -1.42
C VAL A 817 4.55 19.04 -0.66
N LYS A 818 5.75 18.93 -1.23
CA LYS A 818 6.86 18.26 -0.58
C LYS A 818 7.78 19.30 0.11
N SER A 819 8.37 18.94 1.24
CA SER A 819 9.29 19.85 1.93
C SER A 819 10.62 19.93 1.14
N THR A 820 11.47 20.89 1.48
CA THR A 820 12.83 20.87 0.98
C THR A 820 13.72 20.53 2.19
N GLU A 821 15.02 20.63 2.02
CA GLU A 821 15.95 20.40 3.12
C GLU A 821 16.20 21.62 4.03
N GLN A 822 15.61 22.77 3.67
CA GLN A 822 15.72 24.00 4.45
C GLN A 822 14.51 24.19 5.31
N ALA A 823 14.72 24.47 6.59
CA ALA A 823 13.68 24.94 7.50
C ALA A 823 13.06 26.26 7.01
N GLY A 824 11.83 26.52 7.40
CA GLY A 824 11.18 27.78 7.05
C GLY A 824 9.71 27.52 6.96
N LYS A 825 9.13 27.84 5.82
CA LYS A 825 7.68 27.65 5.65
C LYS A 825 7.37 27.73 4.17
N PHE A 826 6.20 27.26 3.78
CA PHE A 826 5.71 27.56 2.45
C PHE A 826 4.26 28.00 2.55
N THR A 827 3.83 28.74 1.53
CA THR A 827 2.51 29.28 1.42
C THR A 827 1.95 28.79 0.10
N LEU A 828 0.79 28.16 0.17
CA LEU A 828 0.11 27.76 -1.04
C LEU A 828 -1.06 28.73 -1.20
N THR A 829 -1.18 29.36 -2.37
CA THR A 829 -2.27 30.25 -2.67
C THR A 829 -3.10 29.61 -3.79
N ALA A 830 -4.42 29.68 -3.67
CA ALA A 830 -5.31 29.14 -4.68
C ALA A 830 -6.18 30.27 -5.22
N HIS A 831 -6.37 30.28 -6.54
CA HIS A 831 -7.16 31.28 -7.24
C HIS A 831 -8.16 30.59 -8.12
N SER A 832 -9.31 31.22 -8.35
CA SER A 832 -10.25 30.69 -9.34
C SER A 832 -11.08 31.83 -9.94
N ASP A 833 -11.39 31.73 -11.23
CA ASP A 833 -12.07 32.80 -11.98
C ASP A 833 -13.34 33.32 -11.27
N LEU A 834 -13.33 34.61 -10.93
CA LEU A 834 -14.43 35.32 -10.23
C LEU A 834 -14.71 34.88 -8.76
N LEU A 835 -13.82 34.09 -8.16
CA LEU A 835 -14.01 33.67 -6.77
C LEU A 835 -12.95 34.33 -5.92
N LYS A 836 -13.17 34.36 -4.62
N LYS A 836 -13.18 34.37 -4.62
CA LYS A 836 -12.18 34.84 -3.68
CA LYS A 836 -12.16 34.85 -3.70
C LYS A 836 -11.03 33.83 -3.59
C LYS A 836 -11.03 33.83 -3.61
N SER A 837 -9.80 34.33 -3.63
CA SER A 837 -8.61 33.51 -3.44
C SER A 837 -8.42 33.22 -1.95
N ASN A 838 -7.62 32.20 -1.67
N ASN A 838 -7.69 32.15 -1.68
CA ASN A 838 -7.26 31.84 -0.32
CA ASN A 838 -7.21 31.89 -0.34
C ASN A 838 -5.82 31.32 -0.26
C ASN A 838 -5.80 31.31 -0.28
N GLN A 839 -5.18 31.43 0.90
CA GLN A 839 -3.86 30.90 1.07
C GLN A 839 -3.76 30.22 2.42
N VAL A 840 -2.83 29.29 2.55
CA VAL A 840 -2.47 28.72 3.85
C VAL A 840 -0.96 28.58 3.92
N THR A 841 -0.42 28.52 5.14
CA THR A 841 1.01 28.41 5.39
C THR A 841 1.30 27.19 6.24
N VAL A 842 2.33 26.43 5.87
CA VAL A 842 2.74 25.23 6.57
C VAL A 842 4.21 25.44 6.94
N PHE A 843 4.59 25.16 8.20
CA PHE A 843 5.97 25.39 8.63
C PHE A 843 6.81 24.14 8.38
N THR A 844 8.11 24.28 8.20
CA THR A 844 8.98 23.13 8.01
C THR A 844 10.20 23.24 8.94
N GLY A 845 10.66 22.11 9.44
CA GLY A 845 11.81 22.11 10.32
C GLY A 845 12.01 20.76 10.96
N LYS A 846 12.36 20.75 12.26
CA LYS A 846 12.62 19.49 12.99
C LYS A 846 11.39 18.59 12.93
N LYS A 847 11.59 17.27 12.84
CA LYS A 847 10.51 16.27 12.90
C LYS A 847 9.77 16.28 14.25
C1 NAG B . -13.65 -12.14 -15.76
C2 NAG B . -13.41 -10.72 -16.27
C3 NAG B . -12.14 -10.26 -15.54
C4 NAG B . -12.33 -10.31 -14.03
C5 NAG B . -12.84 -11.70 -13.61
C6 NAG B . -13.21 -11.79 -12.13
C7 NAG B . -14.01 -9.99 -18.54
C8 NAG B . -13.66 -10.00 -20.00
N2 NAG B . -13.20 -10.64 -17.70
O1 NAG B . -14.68 -12.78 -16.45
O3 NAG B . -11.79 -8.98 -15.97
O4 NAG B . -11.10 -10.07 -13.40
O5 NAG B . -13.98 -12.05 -14.39
O6 NAG B . -13.58 -13.13 -11.91
O7 NAG B . -15.02 -9.39 -18.19
C1 GAL B . -11.07 -8.85 -12.65
C2 GAL B . -9.94 -9.00 -11.64
C3 GAL B . -9.71 -7.69 -10.89
C4 GAL B . -9.55 -6.55 -11.88
C5 GAL B . -10.80 -6.48 -12.75
C6 GAL B . -10.77 -5.29 -13.74
O2 GAL B . -10.36 -9.91 -10.68
O3 GAL B . -8.53 -7.85 -10.11
O4 GAL B . -8.44 -6.84 -12.70
O5 GAL B . -10.93 -7.69 -13.48
O6 GAL B . -12.00 -5.24 -14.40
S SO4 C . 19.29 -5.94 5.64
O1 SO4 C . 20.42 -6.86 5.48
O2 SO4 C . 18.11 -6.49 4.95
O3 SO4 C . 19.66 -4.66 5.04
O4 SO4 C . 18.93 -5.79 7.07
S SO4 D . -39.74 7.65 6.16
O1 SO4 D . -39.25 6.85 5.02
O2 SO4 D . -41.16 7.91 5.91
O3 SO4 D . -39.00 8.92 6.33
O4 SO4 D . -39.60 6.92 7.44
S SO4 E . -25.60 -11.61 -10.46
O1 SO4 E . -24.30 -10.94 -10.68
O2 SO4 E . -26.42 -11.40 -11.69
O3 SO4 E . -26.31 -11.07 -9.26
O4 SO4 E . -25.29 -13.04 -10.21
S SO4 F . 13.29 16.23 -8.00
O1 SO4 F . 14.75 16.10 -7.92
O2 SO4 F . 12.83 16.29 -9.41
O3 SO4 F . 12.89 17.48 -7.30
O4 SO4 F . 12.68 15.07 -7.31
S SO4 G . -3.04 29.94 7.58
O1 SO4 G . -4.43 29.46 7.76
O2 SO4 G . -2.17 28.82 7.18
O3 SO4 G . -2.51 30.52 8.85
O4 SO4 G . -3.05 31.06 6.59
S SO4 H . 25.23 11.77 -3.00
O1 SO4 H . 26.52 12.34 -2.54
O2 SO4 H . 24.94 12.25 -4.37
O3 SO4 H . 24.14 12.25 -2.10
O4 SO4 H . 25.31 10.28 -2.96
C1 MPD I . 2.62 -23.44 8.24
C2 MPD I . 1.76 -22.70 9.26
O2 MPD I . 1.74 -21.30 8.94
CM MPD I . 2.35 -22.88 10.65
C3 MPD I . 0.29 -23.14 9.28
C4 MPD I . 0.00 -24.44 8.53
O4 MPD I . 0.50 -25.51 9.31
C5 MPD I . -1.51 -24.59 8.31
C1 MPD J . -26.42 31.97 -5.06
C2 MPD J . -26.69 32.46 -3.66
O2 MPD J . -27.69 31.57 -3.18
CM MPD J . -27.18 33.92 -3.69
C3 MPD J . -25.45 32.34 -2.80
C4 MPD J . -25.70 32.62 -1.34
O4 MPD J . -27.06 32.30 -1.02
C5 MPD J . -24.77 31.83 -0.41
C1 MPD K . -31.10 -0.22 -2.10
C2 MPD K . -29.64 -0.20 -2.58
O2 MPD K . -29.17 1.15 -2.83
CM MPD K . -29.56 -1.01 -3.88
C3 MPD K . -28.79 -0.82 -1.46
C4 MPD K . -27.28 -0.86 -1.80
O4 MPD K . -26.70 0.43 -1.55
C5 MPD K . -26.56 -1.96 -1.02
C1 MPD L . -9.19 2.45 -30.13
C2 MPD L . -9.38 0.94 -29.98
O2 MPD L . -8.54 0.46 -28.91
CM MPD L . -8.97 0.21 -31.26
C3 MPD L . -10.86 0.64 -29.70
C4 MPD L . -11.37 1.13 -28.35
O4 MPD L . -12.70 1.64 -28.46
C5 MPD L . -11.41 -0.05 -27.40
C1 MPD M . -39.85 22.96 -18.35
C2 MPD M . -39.06 21.77 -18.85
O2 MPD M . -37.70 22.17 -18.97
CM MPD M . -39.55 21.31 -20.22
C3 MPD M . -39.17 20.67 -17.79
C4 MPD M . -38.40 19.36 -18.04
O4 MPD M . -38.16 18.77 -16.75
C5 MPD M . -39.17 18.37 -18.91
#